data_4C7F
#
_entry.id   4C7F
#
_cell.length_a   72.790
_cell.length_b   129.240
_cell.length_c   149.940
_cell.angle_alpha   90.00
_cell.angle_beta   90.00
_cell.angle_gamma   90.00
#
_symmetry.space_group_name_H-M   'P 21 21 21'
#
loop_
_entity.id
_entity.type
_entity.pdbx_description
1 polymer BETA-N-ACETYLHEXOSAMINIDASE
2 non-polymer 1,2-ETHANEDIOL
3 non-polymer 6-ACETAMIDO-6-DEOXY-CASTANOSPERMINE
4 water water
#
_entity_poly.entity_id   1
_entity_poly.type   'polypeptide(L)'
_entity_poly.pdbx_seq_one_letter_code
;AEPTPLDRVIPAPASVEPGGAPYRITRGTHIRVDDSREARRVGDYLADLLRPATGYRLPVTSHGHGGIRLRLAEGPYGDE
GYRLDSGREGVTITARKAAGLFHGVQTLRQLLPAAVEKDSAQPGPWLVAGGTIEDTPRYAWRSAMLDVSRHFFSVDEVKR
YIDRVALYKYNKLHLHISDDQGWRLAIDSWPRLATYGGSTEVGGGPGGHYTKADYEEIVRYAASRHLEVVPEIDMPGHTN
AALASYAELNCDGVAPPLYTGTKVGFSTLCVDKDVTYDFVDDVLGELAALTPGRYLHIGGDEAHSTPQADFVAFMKRVQP
IVAKYGKTVVGWHQLAGAEPVEGALVQYWGLDRTSDAEKAQVAAAARNGTGLILSPADRTYLDMKYTKDTPLGLSWAGYV
EVRRSYDWDPAAYLPGAPAEAVRGVEAPLWTETLSDPDQLDFMAFPRLPGVAELGWSPASTHDWDTYKVRLAGQAPHWEA
MGIDYYRSPQVPWT
;
_entity_poly.pdbx_strand_id   A,B
#
loop_
_chem_comp.id
_chem_comp.type
_chem_comp.name
_chem_comp.formula
EDO non-polymer 1,2-ETHANEDIOL 'C2 H6 O2'
GC2 non-polymer 6-ACETAMIDO-6-DEOXY-CASTANOSPERMINE 'C10 H18 N2 O4'
#
# COMPACT_ATOMS: atom_id res chain seq x y z
N ALA A 1 6.69 39.38 -31.38
CA ALA A 1 7.68 38.31 -30.93
C ALA A 1 8.62 37.86 -32.03
N GLU A 2 9.83 37.50 -31.64
CA GLU A 2 10.72 36.86 -32.61
C GLU A 2 10.78 35.40 -32.17
N PRO A 3 11.22 34.51 -33.03
CA PRO A 3 11.34 33.07 -32.55
C PRO A 3 12.52 32.86 -31.55
N THR A 4 12.36 31.99 -30.55
CA THR A 4 13.51 31.46 -29.78
C THR A 4 14.53 30.92 -30.80
N PRO A 5 15.82 31.26 -30.63
CA PRO A 5 16.82 30.78 -31.62
C PRO A 5 16.82 29.26 -31.72
N LEU A 6 17.10 28.77 -32.94
CA LEU A 6 16.99 27.36 -33.23
C LEU A 6 17.92 26.51 -32.36
N ASP A 7 19.00 27.13 -31.86
CA ASP A 7 19.95 26.37 -31.07
C ASP A 7 19.71 26.44 -29.57
N ARG A 8 18.73 27.23 -29.14
CA ARG A 8 18.46 27.37 -27.69
C ARG A 8 17.57 26.20 -27.19
N VAL A 9 18.21 25.02 -27.08
CA VAL A 9 17.54 23.74 -26.75
C VAL A 9 18.52 23.03 -25.82
N ILE A 10 17.97 22.27 -24.84
CA ILE A 10 18.79 21.32 -24.06
C ILE A 10 18.11 19.92 -24.17
N PRO A 11 18.90 18.87 -24.53
CA PRO A 11 20.34 18.92 -24.85
C PRO A 11 20.64 19.76 -26.09
N ALA A 12 21.82 20.37 -26.10
CA ALA A 12 22.33 21.01 -27.37
C ALA A 12 22.22 20.01 -28.51
N PRO A 13 21.57 20.37 -29.63
CA PRO A 13 21.36 19.42 -30.71
C PRO A 13 22.72 19.18 -31.41
N ALA A 14 22.90 17.99 -31.99
CA ALA A 14 24.20 17.67 -32.62
C ALA A 14 24.48 18.59 -33.81
N SER A 15 23.46 18.97 -34.59
CA SER A 15 23.74 19.94 -35.67
C SER A 15 22.57 20.92 -35.79
N VAL A 16 22.89 22.20 -35.87
CA VAL A 16 21.82 23.22 -35.96
C VAL A 16 22.15 24.22 -37.10
N GLU A 17 21.26 24.36 -38.08
CA GLU A 17 21.52 25.27 -39.23
C GLU A 17 20.36 26.22 -39.41
N PRO A 18 20.43 27.39 -38.75
CA PRO A 18 19.31 28.31 -38.77
C PRO A 18 19.21 29.01 -40.14
N GLY A 19 18.00 29.34 -40.55
CA GLY A 19 17.84 30.00 -41.88
C GLY A 19 16.37 30.12 -42.24
N GLY A 20 16.03 31.27 -42.81
CA GLY A 20 14.73 31.53 -43.43
C GLY A 20 13.72 31.97 -42.41
N ALA A 21 12.52 32.30 -42.86
CA ALA A 21 11.49 32.81 -41.95
C ALA A 21 10.97 31.64 -41.08
N PRO A 22 10.40 31.94 -39.92
CA PRO A 22 9.94 30.89 -38.99
C PRO A 22 8.61 30.26 -39.47
N TYR A 23 8.24 29.10 -38.94
CA TYR A 23 6.88 28.66 -39.09
C TYR A 23 6.07 29.34 -38.03
N ARG A 24 4.79 29.61 -38.34
CA ARG A 24 3.87 30.13 -37.33
C ARG A 24 2.66 29.16 -37.30
N ILE A 25 2.44 28.56 -36.12
CA ILE A 25 1.29 27.66 -35.96
C ILE A 25 0.06 28.56 -35.86
N THR A 26 -0.96 28.28 -36.68
CA THR A 26 -2.14 29.12 -36.72
C THR A 26 -3.39 28.26 -36.50
N ARG A 27 -4.53 28.95 -36.46
CA ARG A 27 -5.82 28.31 -36.17
C ARG A 27 -6.09 27.16 -37.17
N GLY A 28 -5.53 27.25 -38.37
CA GLY A 28 -5.71 26.16 -39.31
C GLY A 28 -4.63 25.10 -39.38
N THR A 29 -3.63 25.13 -38.50
CA THR A 29 -2.60 24.13 -38.57
C THR A 29 -3.19 22.75 -38.19
N HIS A 30 -2.70 21.71 -38.89
CA HIS A 30 -3.04 20.31 -38.58
C HIS A 30 -1.78 19.60 -38.24
N ILE A 31 -1.93 18.47 -37.53
CA ILE A 31 -0.77 17.63 -37.20
C ILE A 31 -0.90 16.40 -38.05
N ARG A 32 -0.04 16.28 -39.06
CA ARG A 32 -0.21 15.20 -40.01
C ARG A 32 0.81 14.13 -39.70
N VAL A 33 0.33 12.90 -39.57
CA VAL A 33 1.14 11.75 -39.19
C VAL A 33 0.99 10.66 -40.26
N ASP A 34 1.89 9.69 -40.32
CA ASP A 34 1.69 8.58 -41.23
C ASP A 34 0.40 7.83 -40.82
N ASP A 35 -0.09 6.96 -41.70
CA ASP A 35 -1.28 6.15 -41.39
C ASP A 35 -0.98 4.90 -40.57
N SER A 36 -1.07 5.00 -39.24
CA SER A 36 -0.70 3.90 -38.33
C SER A 36 -0.98 4.27 -36.85
N ARG A 37 -1.08 3.28 -35.94
CA ARG A 37 -1.13 3.52 -34.49
C ARG A 37 0.19 4.19 -33.98
N GLU A 38 1.35 3.59 -34.25
CA GLU A 38 2.61 4.18 -33.75
C GLU A 38 2.72 5.75 -34.03
N ALA A 39 2.29 6.11 -35.25
CA ALA A 39 2.30 7.46 -35.74
C ALA A 39 1.25 8.27 -35.03
N ARG A 40 0.01 7.77 -34.94
CA ARG A 40 -1.03 8.57 -34.31
CA ARG A 40 -1.07 8.52 -34.31
CA ARG A 40 -1.06 8.54 -34.32
C ARG A 40 -0.77 8.80 -32.83
N ARG A 41 -0.09 7.83 -32.16
CA ARG A 41 0.23 8.01 -30.72
C ARG A 41 1.09 9.26 -30.51
N VAL A 42 2.15 9.42 -31.26
CA VAL A 42 3.01 10.60 -31.14
C VAL A 42 2.25 11.89 -31.53
N GLY A 43 1.41 11.79 -32.57
CA GLY A 43 0.60 12.96 -33.00
C GLY A 43 -0.40 13.38 -31.91
N ASP A 44 -1.01 12.38 -31.25
CA ASP A 44 -1.98 12.69 -30.23
C ASP A 44 -1.29 13.24 -29.00
N TYR A 45 -0.09 12.73 -28.73
CA TYR A 45 0.72 13.27 -27.65
C TYR A 45 1.03 14.78 -27.91
N LEU A 46 1.55 15.07 -29.10
CA LEU A 46 1.81 16.43 -29.49
C LEU A 46 0.54 17.31 -29.43
N ALA A 47 -0.59 16.86 -30.01
CA ALA A 47 -1.83 17.63 -29.90
C ALA A 47 -2.24 17.95 -28.46
N ASP A 48 -2.08 16.99 -27.55
CA ASP A 48 -2.37 17.20 -26.14
C ASP A 48 -1.47 18.29 -25.58
N LEU A 49 -0.27 18.39 -26.07
CA LEU A 49 0.63 19.45 -25.57
C LEU A 49 0.21 20.81 -26.08
N LEU A 50 -0.21 20.83 -27.32
CA LEU A 50 -0.42 22.12 -27.97
C LEU A 50 -1.85 22.72 -27.84
N ARG A 51 -2.87 21.88 -27.66
CA ARG A 51 -4.26 22.37 -27.76
C ARG A 51 -4.64 23.34 -26.65
N PRO A 52 -4.24 23.06 -25.39
CA PRO A 52 -4.70 23.94 -24.33
C PRO A 52 -4.20 25.39 -24.47
N ALA A 53 -2.90 25.58 -24.70
CA ALA A 53 -2.38 26.95 -24.80
C ALA A 53 -2.71 27.67 -26.09
N THR A 54 -2.68 26.96 -27.21
CA THR A 54 -3.08 27.62 -28.45
C THR A 54 -4.60 27.88 -28.51
N GLY A 55 -5.39 26.98 -27.92
CA GLY A 55 -6.82 26.88 -28.19
C GLY A 55 -7.21 26.51 -29.62
N TYR A 56 -6.30 25.96 -30.41
CA TYR A 56 -6.63 25.57 -31.78
C TYR A 56 -7.12 24.11 -31.76
N ARG A 57 -7.89 23.74 -32.77
CA ARG A 57 -8.40 22.36 -32.83
CA ARG A 57 -8.38 22.36 -32.86
C ARG A 57 -7.24 21.36 -33.09
N LEU A 58 -6.29 21.74 -33.93
N LEU A 58 -6.27 21.73 -33.91
CA LEU A 58 -5.13 20.87 -34.20
CA LEU A 58 -5.12 20.84 -34.16
C LEU A 58 -5.48 19.38 -34.36
C LEU A 58 -5.48 19.36 -34.35
N PRO A 59 -6.33 19.06 -35.36
CA PRO A 59 -6.64 17.64 -35.63
C PRO A 59 -5.39 16.86 -36.04
N VAL A 60 -5.33 15.62 -35.59
CA VAL A 60 -4.29 14.71 -36.02
C VAL A 60 -4.85 13.97 -37.24
N THR A 61 -4.15 14.03 -38.37
CA THR A 61 -4.74 13.55 -39.65
C THR A 61 -3.68 12.77 -40.44
N SER A 62 -4.10 12.07 -41.49
CA SER A 62 -3.15 11.45 -42.43
C SER A 62 -3.33 11.98 -43.84
N HIS A 63 -4.03 13.09 -44.00
CA HIS A 63 -4.24 13.67 -45.32
C HIS A 63 -4.27 15.15 -45.18
N GLY A 64 -4.05 15.83 -46.29
CA GLY A 64 -4.31 17.26 -46.27
C GLY A 64 -3.17 18.13 -45.87
N HIS A 65 -3.59 19.32 -45.41
CA HIS A 65 -2.83 20.56 -45.32
C HIS A 65 -1.48 20.49 -44.49
N GLY A 66 -1.46 19.65 -43.46
CA GLY A 66 -0.27 19.54 -42.55
C GLY A 66 0.02 20.84 -41.80
N GLY A 67 1.30 21.21 -41.78
CA GLY A 67 1.67 22.32 -40.96
C GLY A 67 2.67 21.76 -39.96
N ILE A 68 2.29 20.74 -39.17
CA ILE A 68 3.25 20.05 -38.37
C ILE A 68 3.19 18.60 -38.83
N ARG A 69 4.30 18.10 -39.38
CA ARG A 69 4.26 16.82 -40.03
C ARG A 69 5.20 15.88 -39.27
N LEU A 70 4.74 14.70 -38.87
CA LEU A 70 5.60 13.78 -38.15
C LEU A 70 5.74 12.56 -39.04
N ARG A 71 6.95 12.24 -39.48
CA ARG A 71 7.03 11.16 -40.48
C ARG A 71 8.09 10.16 -40.16
N LEU A 72 7.81 8.87 -40.37
CA LEU A 72 8.81 7.90 -40.21
C LEU A 72 9.43 7.58 -41.60
N ALA A 73 10.75 7.47 -41.72
CA ALA A 73 11.44 7.25 -43.02
C ALA A 73 12.81 6.73 -42.65
N GLU A 74 13.44 6.03 -43.60
CA GLU A 74 14.76 5.52 -43.42
C GLU A 74 15.65 6.73 -43.48
N GLY A 75 16.74 6.71 -42.74
CA GLY A 75 17.59 7.88 -42.64
C GLY A 75 18.74 7.61 -41.72
N PRO A 76 19.65 8.56 -41.63
CA PRO A 76 20.82 8.35 -40.77
C PRO A 76 20.59 8.83 -39.30
N TYR A 77 19.45 8.61 -38.70
CA TYR A 77 19.17 9.15 -37.39
CA TYR A 77 19.39 9.17 -37.36
C TYR A 77 19.22 8.11 -36.28
N GLY A 78 19.52 6.85 -36.63
CA GLY A 78 19.54 5.75 -35.66
C GLY A 78 18.18 5.52 -34.96
N ASP A 79 18.21 4.86 -33.81
CA ASP A 79 16.97 4.53 -33.14
C ASP A 79 16.32 5.67 -32.40
N GLU A 80 17.07 6.74 -32.17
CA GLU A 80 16.59 7.75 -31.26
C GLU A 80 16.68 9.18 -31.83
N GLY A 81 17.50 9.36 -32.88
CA GLY A 81 17.69 10.71 -33.53
C GLY A 81 16.55 11.08 -34.47
N TYR A 82 16.58 12.31 -35.03
CA TYR A 82 15.50 12.81 -35.88
C TYR A 82 16.08 14.00 -36.66
N ARG A 83 15.34 14.46 -37.67
CA ARG A 83 15.64 15.74 -38.26
C ARG A 83 14.43 16.65 -38.10
N LEU A 84 14.66 17.92 -37.76
CA LEU A 84 13.52 18.83 -37.69
C LEU A 84 13.79 19.95 -38.68
N ASP A 85 12.83 20.17 -39.60
CA ASP A 85 12.94 21.24 -40.65
C ASP A 85 11.83 22.20 -40.35
N SER A 86 12.13 23.50 -40.34
CA SER A 86 11.10 24.45 -40.01
C SER A 86 11.22 25.66 -40.95
N GLY A 87 10.09 26.18 -41.40
CA GLY A 87 10.04 27.41 -42.22
C GLY A 87 8.59 27.71 -42.46
N ARG A 88 8.37 28.66 -43.38
CA ARG A 88 7.03 29.16 -43.65
CA ARG A 88 7.06 29.17 -43.71
C ARG A 88 6.14 28.03 -44.11
N GLU A 89 6.67 27.02 -44.77
CA GLU A 89 5.82 25.92 -45.24
C GLU A 89 5.38 24.96 -44.12
N GLY A 90 6.08 24.94 -42.97
CA GLY A 90 5.61 24.10 -41.89
C GLY A 90 6.83 23.63 -41.11
N VAL A 91 6.57 22.71 -40.16
CA VAL A 91 7.61 22.04 -39.38
C VAL A 91 7.44 20.58 -39.69
N THR A 92 8.53 19.92 -40.02
CA THR A 92 8.43 18.49 -40.31
C THR A 92 9.46 17.82 -39.42
N ILE A 93 9.05 16.78 -38.70
CA ILE A 93 10.00 16.00 -37.89
C ILE A 93 10.06 14.60 -38.50
N THR A 94 11.27 14.19 -38.89
CA THR A 94 11.50 12.93 -39.54
C THR A 94 12.40 12.06 -38.64
N ALA A 95 12.08 10.77 -38.52
CA ALA A 95 12.94 9.85 -37.74
C ALA A 95 12.76 8.43 -38.28
N ARG A 96 13.64 7.49 -37.89
CA ARG A 96 13.41 6.05 -38.19
C ARG A 96 12.35 5.40 -37.29
N LYS A 97 12.26 5.86 -36.04
CA LYS A 97 11.43 5.21 -35.00
C LYS A 97 10.60 6.20 -34.22
N ALA A 98 9.57 5.71 -33.54
CA ALA A 98 8.71 6.58 -32.77
C ALA A 98 9.54 7.34 -31.73
N ALA A 99 10.60 6.72 -31.17
CA ALA A 99 11.41 7.40 -30.15
C ALA A 99 12.07 8.69 -30.74
N GLY A 100 12.52 8.67 -32.00
CA GLY A 100 13.11 9.92 -32.52
C GLY A 100 12.04 10.97 -32.80
N LEU A 101 10.83 10.57 -33.24
CA LEU A 101 9.76 11.56 -33.36
C LEU A 101 9.48 12.18 -31.98
N PHE A 102 9.45 11.35 -30.94
CA PHE A 102 9.10 11.84 -29.59
C PHE A 102 10.23 12.80 -29.17
N HIS A 103 11.50 12.43 -29.40
CA HIS A 103 12.61 13.33 -29.13
C HIS A 103 12.48 14.67 -29.86
N GLY A 104 12.08 14.62 -31.13
CA GLY A 104 11.92 15.84 -31.97
C GLY A 104 10.81 16.71 -31.35
N VAL A 105 9.78 16.08 -30.75
CA VAL A 105 8.69 16.85 -30.14
C VAL A 105 9.24 17.53 -28.87
N GLN A 106 10.13 16.86 -28.11
CA GLN A 106 10.66 17.53 -26.91
C GLN A 106 11.52 18.77 -27.32
N THR A 107 12.16 18.70 -28.49
CA THR A 107 12.87 19.84 -29.05
C THR A 107 11.90 20.97 -29.46
N LEU A 108 10.80 20.56 -30.11
CA LEU A 108 9.80 21.47 -30.64
C LEU A 108 9.18 22.26 -29.52
N ARG A 109 8.94 21.63 -28.38
CA ARG A 109 8.36 22.37 -27.27
C ARG A 109 9.26 23.44 -26.66
N GLN A 110 10.59 23.22 -26.63
CA GLN A 110 11.53 24.26 -26.23
C GLN A 110 11.69 25.37 -27.26
N LEU A 111 11.54 25.07 -28.54
CA LEU A 111 11.58 26.11 -29.54
C LEU A 111 10.38 27.05 -29.45
N LEU A 112 9.21 26.51 -29.07
CA LEU A 112 7.99 27.29 -28.93
C LEU A 112 8.06 28.20 -27.71
N PRO A 113 7.31 29.32 -27.70
CA PRO A 113 7.32 30.15 -26.51
C PRO A 113 6.92 29.44 -25.25
N ALA A 114 7.40 29.92 -24.10
CA ALA A 114 7.04 29.34 -22.77
C ALA A 114 5.53 29.24 -22.51
N ALA A 115 4.74 30.20 -23.05
CA ALA A 115 3.29 30.16 -22.90
C ALA A 115 2.66 28.87 -23.41
N VAL A 116 3.38 28.12 -24.26
CA VAL A 116 2.84 26.84 -24.79
C VAL A 116 2.54 25.83 -23.71
N GLU A 117 3.18 25.94 -22.57
CA GLU A 117 2.99 24.97 -21.49
C GLU A 117 1.78 25.31 -20.60
N LYS A 118 1.09 26.45 -20.83
CA LYS A 118 -0.05 26.87 -20.00
C LYS A 118 -1.25 26.00 -20.28
N ASP A 119 -2.19 25.96 -19.33
CA ASP A 119 -3.33 25.06 -19.48
C ASP A 119 -4.59 25.75 -20.00
N SER A 120 -4.51 27.02 -20.38
CA SER A 120 -5.62 27.70 -21.02
C SER A 120 -5.06 28.57 -22.16
N ALA A 121 -5.97 29.01 -23.06
CA ALA A 121 -5.64 29.73 -24.29
C ALA A 121 -4.82 31.03 -24.04
N GLN A 122 -3.73 31.18 -24.79
CA GLN A 122 -2.76 32.30 -24.64
C GLN A 122 -2.60 32.96 -25.99
N PRO A 123 -2.27 34.27 -26.00
CA PRO A 123 -2.05 34.97 -27.24
C PRO A 123 -0.86 34.31 -27.95
N GLY A 124 -0.85 34.36 -29.26
CA GLY A 124 0.36 33.94 -29.96
C GLY A 124 1.45 35.04 -29.94
N PRO A 125 2.26 35.10 -31.00
CA PRO A 125 2.21 34.14 -32.11
C PRO A 125 2.98 32.84 -31.68
N TRP A 126 2.72 31.72 -32.34
CA TRP A 126 3.39 30.45 -32.00
C TRP A 126 4.51 30.17 -32.99
N LEU A 127 5.69 30.78 -32.79
CA LEU A 127 6.74 30.80 -33.84
C LEU A 127 7.73 29.67 -33.62
N VAL A 128 8.14 28.95 -34.68
CA VAL A 128 9.24 27.99 -34.60
C VAL A 128 10.38 28.52 -35.52
N ALA A 129 11.55 28.88 -34.98
CA ALA A 129 12.63 29.43 -35.80
C ALA A 129 12.88 28.61 -37.10
N GLY A 130 13.17 29.30 -38.20
CA GLY A 130 13.47 28.56 -39.45
C GLY A 130 14.81 27.88 -39.49
N GLY A 131 14.87 26.74 -40.18
CA GLY A 131 16.16 26.09 -40.43
C GLY A 131 16.06 24.60 -40.20
N THR A 132 17.21 23.96 -40.00
CA THR A 132 17.25 22.50 -39.84
C THR A 132 18.06 22.11 -38.62
N ILE A 133 17.45 21.26 -37.78
CA ILE A 133 18.19 20.54 -36.75
C ILE A 133 18.37 19.08 -37.16
N GLU A 134 19.60 18.60 -37.11
CA GLU A 134 19.80 17.13 -37.24
C GLU A 134 20.41 16.63 -35.93
N ASP A 135 19.81 15.62 -35.31
CA ASP A 135 20.10 15.34 -33.89
C ASP A 135 20.06 13.83 -33.59
N THR A 136 21.16 13.33 -33.06
CA THR A 136 21.34 11.92 -32.62
C THR A 136 22.17 11.99 -31.34
N PRO A 137 22.01 10.99 -30.44
CA PRO A 137 22.70 11.06 -29.11
C PRO A 137 24.16 10.61 -29.10
N ARG A 138 24.99 11.17 -28.23
CA ARG A 138 26.32 10.71 -27.99
C ARG A 138 26.37 9.33 -27.29
N TYR A 139 25.55 9.13 -26.26
CA TYR A 139 25.52 7.90 -25.50
C TYR A 139 24.15 7.26 -25.48
N ALA A 140 24.11 5.92 -25.47
CA ALA A 140 22.84 5.23 -25.41
C ALA A 140 22.29 5.08 -23.97
N TRP A 141 23.14 5.15 -22.96
CA TRP A 141 22.66 5.04 -21.59
C TRP A 141 22.47 6.45 -21.00
N ARG A 142 21.22 6.93 -20.91
CA ARG A 142 20.95 8.30 -20.45
C ARG A 142 19.80 8.18 -19.44
N SER A 143 20.17 8.08 -18.20
CA SER A 143 19.18 7.67 -17.23
CA SER A 143 19.24 7.61 -17.19
C SER A 143 19.01 8.58 -16.01
N ALA A 144 17.86 8.42 -15.37
CA ALA A 144 17.55 9.13 -14.13
C ALA A 144 17.07 8.08 -13.14
N MET A 145 17.54 8.18 -11.88
CA MET A 145 17.12 7.22 -10.84
C MET A 145 16.22 7.96 -9.83
N LEU A 146 15.15 7.30 -9.36
CA LEU A 146 14.39 7.80 -8.23
C LEU A 146 14.40 6.73 -7.13
N ASP A 147 14.78 7.12 -5.93
CA ASP A 147 14.74 6.27 -4.76
C ASP A 147 13.30 6.34 -4.21
N VAL A 148 12.56 5.22 -4.34
CA VAL A 148 11.22 5.18 -3.76
C VAL A 148 11.20 4.32 -2.50
N SER A 149 12.39 3.98 -1.99
CA SER A 149 12.52 3.14 -0.81
C SER A 149 12.71 3.97 0.41
N ARG A 150 13.56 5.00 0.35
CA ARG A 150 13.72 5.87 1.52
C ARG A 150 12.44 6.62 1.90
N HIS A 151 11.86 7.36 0.94
CA HIS A 151 10.48 7.78 1.05
C HIS A 151 9.80 7.22 -0.15
N PHE A 152 8.54 6.81 0.05
CA PHE A 152 7.71 6.21 -0.98
C PHE A 152 7.14 7.30 -1.88
N PHE A 153 7.10 7.03 -3.18
CA PHE A 153 6.36 7.93 -4.12
C PHE A 153 5.36 7.08 -4.91
N SER A 154 4.14 7.59 -5.01
CA SER A 154 2.99 6.84 -5.57
C SER A 154 3.14 6.67 -7.06
N VAL A 155 2.30 5.80 -7.62
CA VAL A 155 2.29 5.61 -9.11
C VAL A 155 2.14 7.01 -9.82
N ASP A 156 1.19 7.80 -9.37
CA ASP A 156 0.98 9.14 -9.94
C ASP A 156 2.18 10.08 -9.78
N GLU A 157 2.87 10.04 -8.63
CA GLU A 157 4.08 10.83 -8.46
C GLU A 157 5.24 10.35 -9.32
N VAL A 158 5.33 9.04 -9.54
CA VAL A 158 6.34 8.50 -10.40
C VAL A 158 6.01 8.90 -11.83
N LYS A 159 4.73 8.90 -12.23
CA LYS A 159 4.40 9.33 -13.60
C LYS A 159 4.74 10.82 -13.77
N ARG A 160 4.51 11.63 -12.74
CA ARG A 160 4.92 13.05 -12.80
C ARG A 160 6.46 13.16 -13.00
N TYR A 161 7.25 12.37 -12.25
CA TYR A 161 8.74 12.40 -12.41
C TYR A 161 9.13 11.87 -13.81
N ILE A 162 8.41 10.88 -14.36
CA ILE A 162 8.67 10.45 -15.72
C ILE A 162 8.49 11.60 -16.73
N ASP A 163 7.47 12.41 -16.52
CA ASP A 163 7.24 13.53 -17.40
C ASP A 163 8.30 14.62 -17.21
N ARG A 164 8.88 14.76 -16.04
CA ARG A 164 10.02 15.65 -15.88
C ARG A 164 11.20 15.20 -16.69
N VAL A 165 11.57 13.91 -16.57
CA VAL A 165 12.79 13.45 -17.26
C VAL A 165 12.56 13.35 -18.77
N ALA A 166 11.34 13.03 -19.21
CA ALA A 166 11.12 12.93 -20.65
C ALA A 166 11.37 14.29 -21.37
N LEU A 167 11.32 15.40 -20.66
CA LEU A 167 11.58 16.71 -21.30
C LEU A 167 12.99 16.73 -21.94
N TYR A 168 13.94 15.97 -21.37
CA TYR A 168 15.34 16.14 -21.72
C TYR A 168 15.96 14.96 -22.40
N LYS A 169 15.10 14.10 -22.93
CA LYS A 169 15.59 12.97 -23.82
C LYS A 169 16.34 11.88 -23.03
N TYR A 170 16.17 11.81 -21.71
CA TYR A 170 16.52 10.59 -20.96
C TYR A 170 15.84 9.38 -21.59
N ASN A 171 16.44 8.18 -21.53
CA ASN A 171 15.77 7.01 -22.14
C ASN A 171 15.71 5.81 -21.20
N LYS A 172 16.18 6.01 -19.97
CA LYS A 172 16.13 4.97 -18.90
C LYS A 172 15.69 5.58 -17.58
N LEU A 173 14.85 4.85 -16.87
CA LEU A 173 14.37 5.24 -15.57
C LEU A 173 14.76 4.12 -14.62
N HIS A 174 15.71 4.39 -13.75
CA HIS A 174 16.22 3.43 -12.74
C HIS A 174 15.39 3.63 -11.49
N LEU A 175 14.71 2.58 -11.03
CA LEU A 175 13.85 2.73 -9.85
C LEU A 175 14.48 1.92 -8.74
N HIS A 176 14.87 2.61 -7.67
CA HIS A 176 15.54 1.93 -6.54
C HIS A 176 14.36 1.49 -5.63
N ILE A 177 13.84 0.27 -5.82
CA ILE A 177 12.56 -0.17 -5.21
C ILE A 177 12.77 -1.01 -3.95
N SER A 178 14.01 -1.20 -3.58
CA SER A 178 14.24 -1.80 -2.28
C SER A 178 15.46 -1.19 -1.57
N ASP A 179 15.34 -1.04 -0.26
CA ASP A 179 16.48 -0.66 0.56
C ASP A 179 16.24 -1.06 2.05
N ASP A 180 16.95 -0.42 2.98
CA ASP A 180 16.77 -0.77 4.40
C ASP A 180 15.44 -0.32 4.91
N GLN A 181 14.90 0.79 4.36
CA GLN A 181 13.68 1.41 4.91
C GLN A 181 12.39 0.98 4.19
N GLY A 182 12.50 0.22 3.10
CA GLY A 182 11.24 -0.23 2.48
C GLY A 182 11.45 -1.18 1.33
N TRP A 183 10.41 -1.96 1.05
CA TRP A 183 10.42 -2.90 -0.10
C TRP A 183 9.15 -2.49 -0.91
N ARG A 184 9.32 -2.15 -2.20
CA ARG A 184 8.24 -1.43 -2.88
C ARG A 184 7.53 -2.19 -3.99
N LEU A 185 7.70 -3.52 -4.08
CA LEU A 185 7.04 -4.28 -5.10
C LEU A 185 6.43 -5.58 -4.53
N ALA A 186 5.14 -5.85 -4.78
CA ALA A 186 4.51 -7.09 -4.38
C ALA A 186 5.21 -8.26 -5.10
N ILE A 187 5.68 -9.23 -4.32
CA ILE A 187 6.27 -10.49 -4.82
C ILE A 187 5.38 -11.63 -4.27
N ASP A 188 4.76 -12.38 -5.16
CA ASP A 188 3.80 -13.43 -4.75
C ASP A 188 4.43 -14.59 -3.98
N SER A 189 5.68 -14.91 -4.34
CA SER A 189 6.39 -16.03 -3.72
C SER A 189 6.91 -15.66 -2.34
N TRP A 190 6.97 -14.34 -2.04
CA TRP A 190 7.39 -13.80 -0.72
C TRP A 190 6.47 -12.65 -0.32
N PRO A 191 5.23 -12.96 0.04
CA PRO A 191 4.22 -11.91 0.23
C PRO A 191 4.48 -10.90 1.30
N ARG A 192 5.25 -11.21 2.35
CA ARG A 192 5.55 -10.23 3.41
C ARG A 192 6.47 -9.10 3.00
N LEU A 193 7.25 -9.27 1.93
CA LEU A 193 8.27 -8.26 1.56
C LEU A 193 7.50 -6.95 1.36
N ALA A 194 6.47 -6.94 0.52
CA ALA A 194 5.74 -5.70 0.28
C ALA A 194 4.75 -5.37 1.44
N THR A 195 3.99 -6.39 1.87
CA THR A 195 2.91 -6.13 2.82
C THR A 195 3.43 -5.62 4.16
N TYR A 196 4.56 -6.16 4.58
CA TYR A 196 5.19 -5.82 5.88
C TYR A 196 6.39 -4.95 5.59
N GLY A 197 7.26 -5.44 4.69
CA GLY A 197 8.49 -4.68 4.35
C GLY A 197 8.17 -3.30 3.74
N GLY A 198 6.99 -3.16 3.14
CA GLY A 198 6.59 -1.86 2.51
C GLY A 198 5.79 -0.97 3.48
N SER A 199 5.57 -1.41 4.70
CA SER A 199 4.61 -0.70 5.59
C SER A 199 5.18 0.58 6.25
N THR A 200 6.45 0.91 6.01
CA THR A 200 6.92 2.20 6.50
C THR A 200 8.01 2.80 5.62
N GLU A 201 8.77 3.78 6.13
CA GLU A 201 9.76 4.48 5.31
C GLU A 201 10.56 5.36 6.25
N VAL A 202 11.55 6.09 5.77
CA VAL A 202 12.33 6.96 6.63
C VAL A 202 11.37 7.84 7.46
N GLY A 203 11.62 7.99 8.79
CA GLY A 203 10.78 8.92 9.56
C GLY A 203 9.51 8.24 10.09
N GLY A 204 9.26 6.98 9.72
CA GLY A 204 8.13 6.27 10.31
C GLY A 204 6.76 6.60 9.69
N GLY A 205 6.73 7.10 8.46
CA GLY A 205 5.46 7.36 7.74
C GLY A 205 4.79 6.06 7.23
N PRO A 206 3.72 6.23 6.46
CA PRO A 206 2.90 5.13 6.04
C PRO A 206 3.57 4.31 4.94
N GLY A 207 4.67 4.77 4.35
CA GLY A 207 5.37 3.96 3.32
C GLY A 207 4.39 3.69 2.17
N GLY A 208 4.28 2.43 1.72
CA GLY A 208 3.58 2.14 0.47
C GLY A 208 4.26 1.09 -0.35
N HIS A 209 3.56 0.51 -1.33
CA HIS A 209 4.21 -0.31 -2.33
C HIS A 209 3.41 -0.37 -3.60
N TYR A 210 4.02 -0.78 -4.68
CA TYR A 210 3.31 -1.03 -5.96
C TYR A 210 2.78 -2.45 -5.97
N THR A 211 1.49 -2.63 -6.20
CA THR A 211 0.99 -3.93 -6.58
C THR A 211 1.62 -4.32 -7.94
N LYS A 212 1.46 -5.58 -8.35
CA LYS A 212 1.95 -5.91 -9.70
C LYS A 212 1.26 -5.04 -10.79
N ALA A 213 -0.07 -4.86 -10.63
CA ALA A 213 -0.81 -3.92 -11.54
C ALA A 213 -0.22 -2.49 -11.47
N ASP A 214 0.15 -2.00 -10.27
CA ASP A 214 0.68 -0.62 -10.20
C ASP A 214 1.98 -0.58 -10.99
N TYR A 215 2.80 -1.62 -10.83
CA TYR A 215 4.16 -1.60 -11.39
C TYR A 215 4.06 -1.69 -12.92
N GLU A 216 3.19 -2.58 -13.42
CA GLU A 216 2.86 -2.62 -14.87
C GLU A 216 2.41 -1.28 -15.44
N GLU A 217 1.62 -0.50 -14.70
CA GLU A 217 1.13 0.78 -15.19
C GLU A 217 2.33 1.77 -15.26
N ILE A 218 3.22 1.73 -14.26
CA ILE A 218 4.43 2.60 -14.27
C ILE A 218 5.26 2.24 -15.53
N VAL A 219 5.43 0.95 -15.77
CA VAL A 219 6.22 0.52 -16.93
C VAL A 219 5.57 0.94 -18.26
N ARG A 220 4.27 0.74 -18.39
CA ARG A 220 3.55 1.11 -19.60
C ARG A 220 3.62 2.64 -19.78
N TYR A 221 3.48 3.40 -18.69
CA TYR A 221 3.52 4.84 -18.85
C TYR A 221 4.90 5.32 -19.22
N ALA A 222 5.93 4.78 -18.60
CA ALA A 222 7.27 5.18 -18.95
C ALA A 222 7.57 4.80 -20.41
N ALA A 223 7.13 3.62 -20.86
CA ALA A 223 7.36 3.21 -22.27
C ALA A 223 6.75 4.23 -23.22
N SER A 224 5.58 4.81 -22.87
CA SER A 224 4.85 5.79 -23.70
C SER A 224 5.62 7.08 -23.69
N ARG A 225 6.54 7.23 -22.73
CA ARG A 225 7.49 8.33 -22.80
C ARG A 225 8.90 7.91 -23.21
N HIS A 226 9.03 6.75 -23.87
CA HIS A 226 10.29 6.24 -24.35
C HIS A 226 11.36 6.15 -23.28
N LEU A 227 10.90 5.75 -22.11
CA LEU A 227 11.80 5.39 -21.04
C LEU A 227 11.75 3.87 -20.77
N GLU A 228 12.92 3.27 -20.77
CA GLU A 228 13.08 1.85 -20.42
C GLU A 228 13.30 1.76 -18.93
N VAL A 229 12.44 1.04 -18.24
CA VAL A 229 12.57 0.96 -16.80
C VAL A 229 13.63 -0.04 -16.37
N VAL A 230 14.49 0.42 -15.47
CA VAL A 230 15.60 -0.41 -14.99
C VAL A 230 15.35 -0.52 -13.45
N PRO A 231 14.75 -1.60 -12.96
CA PRO A 231 14.46 -1.76 -11.51
C PRO A 231 15.66 -2.27 -10.81
N GLU A 232 15.83 -1.88 -9.53
CA GLU A 232 16.97 -2.34 -8.78
C GLU A 232 16.48 -3.05 -7.53
N ILE A 233 16.99 -4.25 -7.29
CA ILE A 233 16.79 -4.89 -5.98
C ILE A 233 18.19 -4.91 -5.40
N ASP A 234 18.42 -4.03 -4.44
CA ASP A 234 19.72 -3.86 -3.92
C ASP A 234 20.16 -5.05 -3.00
N MET A 235 21.35 -5.58 -3.26
CA MET A 235 21.84 -6.82 -2.58
C MET A 235 23.35 -6.86 -2.70
N PRO A 236 24.05 -7.49 -1.70
CA PRO A 236 23.44 -8.12 -0.54
C PRO A 236 23.29 -7.16 0.61
N GLY A 237 23.76 -5.94 0.43
CA GLY A 237 23.57 -4.89 1.45
C GLY A 237 22.31 -4.13 1.17
N HIS A 238 21.99 -3.16 2.02
CA HIS A 238 20.76 -2.33 1.90
C HIS A 238 19.50 -3.25 1.81
N THR A 239 19.50 -4.32 2.59
CA THR A 239 18.46 -5.29 2.53
C THR A 239 17.57 -5.40 3.81
N ASN A 240 17.61 -4.38 4.67
CA ASN A 240 16.88 -4.55 5.98
C ASN A 240 15.38 -4.84 5.79
N ALA A 241 14.72 -4.15 4.82
CA ALA A 241 13.29 -4.39 4.63
C ALA A 241 13.00 -5.87 4.38
N ALA A 242 13.83 -6.55 3.56
CA ALA A 242 13.58 -7.96 3.20
C ALA A 242 13.86 -8.80 4.47
N LEU A 243 15.01 -8.56 5.09
CA LEU A 243 15.43 -9.32 6.32
C LEU A 243 14.42 -9.16 7.47
N ALA A 244 13.87 -7.95 7.63
CA ALA A 244 12.83 -7.74 8.65
C ALA A 244 11.57 -8.54 8.35
N SER A 245 11.32 -8.85 7.08
CA SER A 245 10.06 -9.52 6.72
C SER A 245 10.15 -11.05 6.84
N TYR A 246 11.36 -11.61 6.71
CA TYR A 246 11.57 -13.09 6.73
C TYR A 246 12.74 -13.46 7.63
N ALA A 247 12.44 -13.88 8.84
CA ALA A 247 13.47 -14.23 9.80
C ALA A 247 14.48 -15.20 9.19
N GLU A 248 14.04 -16.15 8.37
CA GLU A 248 14.93 -17.20 7.86
C GLU A 248 16.06 -16.65 6.96
N LEU A 249 15.87 -15.39 6.52
CA LEU A 249 16.91 -14.86 5.59
C LEU A 249 18.12 -14.37 6.36
N ASN A 250 17.93 -14.22 7.68
CA ASN A 250 18.98 -13.69 8.55
C ASN A 250 19.98 -14.76 8.97
N CYS A 251 21.28 -14.44 9.02
CA CYS A 251 22.27 -15.48 9.46
C CYS A 251 21.91 -16.10 10.80
N ASP A 252 21.45 -15.29 11.74
CA ASP A 252 21.03 -15.78 13.04
C ASP A 252 19.57 -16.26 13.06
N GLY A 253 18.89 -16.24 11.94
CA GLY A 253 17.46 -16.65 11.96
C GLY A 253 16.48 -15.77 12.74
N VAL A 254 16.88 -14.54 13.07
CA VAL A 254 15.99 -13.64 13.84
C VAL A 254 15.71 -12.42 12.99
N ALA A 255 14.45 -12.00 12.80
CA ALA A 255 14.18 -10.86 11.88
C ALA A 255 14.51 -9.56 12.66
N PRO A 256 15.33 -8.67 12.07
CA PRO A 256 15.50 -7.36 12.72
C PRO A 256 14.20 -6.58 12.59
N PRO A 257 14.04 -5.49 13.39
CA PRO A 257 12.86 -4.63 13.26
C PRO A 257 12.92 -3.86 11.96
N LEU A 258 11.78 -3.39 11.49
CA LEU A 258 11.76 -2.49 10.33
C LEU A 258 12.59 -1.25 10.66
N TYR A 259 13.26 -0.69 9.66
CA TYR A 259 14.17 0.42 9.95
C TYR A 259 13.59 1.74 9.39
N THR A 260 13.57 2.82 10.19
CA THR A 260 13.09 4.12 9.71
C THR A 260 14.15 5.22 9.78
N GLY A 261 15.40 4.86 10.05
CA GLY A 261 16.45 5.88 10.13
C GLY A 261 17.15 6.07 8.79
N THR A 262 18.28 6.77 8.78
CA THR A 262 19.00 6.98 7.52
C THR A 262 20.45 6.44 7.48
N LYS A 263 20.88 5.64 8.47
CA LYS A 263 22.22 5.04 8.42
C LYS A 263 22.28 3.97 7.30
N VAL A 264 23.50 3.54 6.95
CA VAL A 264 23.76 2.61 5.82
C VAL A 264 24.82 1.64 6.29
N GLY A 265 24.99 0.49 5.61
CA GLY A 265 26.14 -0.36 5.80
C GLY A 265 25.92 -1.53 6.75
N PHE A 266 24.83 -1.48 7.50
CA PHE A 266 24.62 -2.36 8.63
C PHE A 266 23.91 -3.65 8.28
N SER A 267 23.24 -3.69 7.13
CA SER A 267 22.42 -4.89 6.80
C SER A 267 23.14 -5.82 5.82
N THR A 268 22.96 -7.13 5.95
CA THR A 268 23.48 -8.07 4.96
C THR A 268 22.55 -9.32 4.79
N LEU A 269 22.37 -9.80 3.57
CA LEU A 269 21.79 -11.11 3.38
C LEU A 269 22.82 -12.14 3.88
N CYS A 270 22.36 -13.38 4.06
CA CYS A 270 23.19 -14.45 4.64
C CYS A 270 23.79 -15.22 3.50
N VAL A 271 25.04 -14.95 3.25
CA VAL A 271 25.67 -15.47 2.00
C VAL A 271 25.77 -17.01 1.99
N ASP A 272 25.97 -17.60 3.13
CA ASP A 272 26.16 -19.04 3.14
C ASP A 272 24.88 -19.87 3.41
N LYS A 273 23.69 -19.26 3.33
CA LYS A 273 22.44 -20.04 3.48
C LYS A 273 21.82 -20.23 2.12
N ASP A 274 21.49 -21.45 1.71
CA ASP A 274 20.91 -21.63 0.38
C ASP A 274 19.57 -20.94 0.23
N VAL A 275 18.82 -20.77 1.30
CA VAL A 275 17.50 -20.17 1.13
C VAL A 275 17.63 -18.72 0.63
N THR A 276 18.79 -18.08 0.90
CA THR A 276 19.05 -16.72 0.36
C THR A 276 18.89 -16.70 -1.15
N TYR A 277 19.34 -17.79 -1.81
CA TYR A 277 19.26 -17.87 -3.30
C TYR A 277 17.92 -18.34 -3.82
N ASP A 278 17.18 -19.09 -3.00
CA ASP A 278 15.79 -19.30 -3.30
C ASP A 278 15.05 -17.91 -3.36
N PHE A 279 15.37 -17.04 -2.43
CA PHE A 279 14.73 -15.72 -2.29
C PHE A 279 15.16 -14.86 -3.52
N VAL A 280 16.46 -14.84 -3.83
CA VAL A 280 16.95 -14.02 -4.97
C VAL A 280 16.32 -14.53 -6.28
N ASP A 281 16.40 -15.85 -6.48
CA ASP A 281 15.80 -16.45 -7.67
C ASP A 281 14.32 -16.10 -7.81
N ASP A 282 13.57 -16.30 -6.74
CA ASP A 282 12.14 -15.97 -6.82
C ASP A 282 11.92 -14.48 -7.13
N VAL A 283 12.57 -13.59 -6.39
CA VAL A 283 12.31 -12.13 -6.59
C VAL A 283 12.75 -11.73 -8.02
N LEU A 284 13.97 -12.12 -8.43
CA LEU A 284 14.41 -11.68 -9.78
C LEU A 284 13.54 -12.26 -10.91
N GLY A 285 13.04 -13.50 -10.72
CA GLY A 285 12.16 -14.13 -11.70
C GLY A 285 10.88 -13.33 -11.81
N GLU A 286 10.27 -12.95 -10.66
CA GLU A 286 9.02 -12.22 -10.73
C GLU A 286 9.25 -10.79 -11.27
N LEU A 287 10.36 -10.16 -10.88
CA LEU A 287 10.69 -8.82 -11.40
C LEU A 287 10.95 -8.93 -12.93
N ALA A 288 11.72 -9.92 -13.33
CA ALA A 288 11.91 -10.11 -14.80
C ALA A 288 10.60 -10.20 -15.64
N ALA A 289 9.60 -10.93 -15.11
CA ALA A 289 8.30 -11.10 -15.78
C ALA A 289 7.61 -9.72 -15.92
N LEU A 290 7.92 -8.79 -15.03
CA LEU A 290 7.32 -7.45 -15.13
C LEU A 290 8.20 -6.45 -15.86
N THR A 291 9.38 -6.88 -16.31
CA THR A 291 10.40 -5.98 -16.84
C THR A 291 10.61 -6.28 -18.33
N PRO A 292 9.96 -5.49 -19.19
CA PRO A 292 10.25 -5.71 -20.61
C PRO A 292 11.61 -5.12 -21.01
N GLY A 293 12.22 -4.27 -20.19
CA GLY A 293 13.53 -3.79 -20.44
C GLY A 293 14.60 -4.89 -20.38
N ARG A 294 15.78 -4.50 -20.83
CA ARG A 294 16.88 -5.49 -21.02
C ARG A 294 17.66 -5.72 -19.72
N TYR A 295 17.48 -4.87 -18.69
CA TYR A 295 18.45 -4.87 -17.56
C TYR A 295 17.79 -5.15 -16.20
N LEU A 296 18.53 -5.80 -15.29
CA LEU A 296 18.09 -5.85 -13.91
C LEU A 296 19.25 -5.33 -13.13
N HIS A 297 19.00 -4.38 -12.21
CA HIS A 297 20.08 -3.77 -11.39
C HIS A 297 20.05 -4.53 -10.04
N ILE A 298 21.19 -5.12 -9.64
CA ILE A 298 21.30 -5.90 -8.38
C ILE A 298 22.05 -5.11 -7.31
N GLY A 299 22.31 -3.84 -7.58
CA GLY A 299 22.82 -3.01 -6.54
C GLY A 299 24.23 -3.42 -6.22
N GLY A 300 24.51 -3.63 -4.93
CA GLY A 300 25.88 -3.99 -4.55
C GLY A 300 26.72 -2.98 -3.74
N ASP A 301 26.15 -1.80 -3.47
CA ASP A 301 26.77 -0.74 -2.70
C ASP A 301 26.70 -0.96 -1.20
N GLU A 302 27.75 -0.49 -0.49
CA GLU A 302 27.75 -0.38 0.98
C GLU A 302 27.42 -1.71 1.69
N ALA A 303 27.96 -2.82 1.17
CA ALA A 303 27.78 -4.10 1.78
C ALA A 303 28.81 -4.20 2.93
N HIS A 304 28.75 -3.21 3.83
CA HIS A 304 29.81 -3.07 4.86
C HIS A 304 29.74 -4.18 5.93
N SER A 305 28.66 -4.96 5.99
CA SER A 305 28.58 -6.02 6.95
C SER A 305 28.76 -7.34 6.23
N THR A 306 29.24 -7.32 4.98
CA THR A 306 29.49 -8.53 4.25
C THR A 306 31.01 -8.64 3.99
N PRO A 307 31.71 -9.63 4.61
CA PRO A 307 33.15 -9.85 4.29
C PRO A 307 33.42 -9.92 2.78
N GLN A 308 34.59 -9.45 2.36
CA GLN A 308 34.89 -9.37 0.90
C GLN A 308 34.68 -10.73 0.26
N ALA A 309 35.20 -11.78 0.89
CA ALA A 309 35.10 -13.07 0.21
C ALA A 309 33.60 -13.53 0.09
N ASP A 310 32.78 -13.19 1.09
CA ASP A 310 31.34 -13.47 1.03
C ASP A 310 30.68 -12.59 -0.09
N PHE A 311 31.07 -11.32 -0.18
CA PHE A 311 30.52 -10.46 -1.21
C PHE A 311 30.84 -11.04 -2.57
N VAL A 312 32.10 -11.45 -2.78
CA VAL A 312 32.46 -12.06 -4.08
C VAL A 312 31.63 -13.34 -4.38
N ALA A 313 31.50 -14.23 -3.40
CA ALA A 313 30.83 -15.52 -3.64
C ALA A 313 29.32 -15.30 -3.91
N PHE A 314 28.77 -14.29 -3.23
CA PHE A 314 27.42 -13.89 -3.45
C PHE A 314 27.16 -13.42 -4.91
N MET A 315 27.94 -12.45 -5.38
CA MET A 315 27.77 -11.92 -6.71
C MET A 315 28.09 -13.06 -7.73
N LYS A 316 28.99 -13.98 -7.36
CA LYS A 316 29.31 -15.08 -8.33
C LYS A 316 28.04 -15.92 -8.54
N ARG A 317 27.27 -16.09 -7.46
CA ARG A 317 26.05 -16.93 -7.54
C ARG A 317 24.80 -16.20 -8.10
N VAL A 318 24.67 -14.93 -7.75
CA VAL A 318 23.52 -14.15 -8.13
C VAL A 318 23.56 -13.66 -9.59
N GLN A 319 24.71 -13.17 -10.10
CA GLN A 319 24.71 -12.69 -11.48
C GLN A 319 24.15 -13.69 -12.52
N PRO A 320 24.44 -15.01 -12.41
CA PRO A 320 23.82 -15.87 -13.43
C PRO A 320 22.30 -15.96 -13.31
N ILE A 321 21.72 -15.61 -12.17
CA ILE A 321 20.24 -15.68 -12.00
C ILE A 321 19.64 -14.65 -12.96
N VAL A 322 20.34 -13.51 -13.15
CA VAL A 322 19.86 -12.45 -14.06
C VAL A 322 19.85 -12.98 -15.51
N ALA A 323 20.93 -13.69 -15.90
CA ALA A 323 21.02 -14.25 -17.26
C ALA A 323 19.99 -15.37 -17.42
N LYS A 324 19.67 -16.09 -16.36
CA LYS A 324 18.65 -17.15 -16.45
C LYS A 324 17.34 -16.53 -16.85
N TYR A 325 17.05 -15.28 -16.44
CA TYR A 325 15.76 -14.70 -16.84
C TYR A 325 15.91 -13.84 -18.10
N GLY A 326 17.01 -14.01 -18.86
CA GLY A 326 17.20 -13.31 -20.15
C GLY A 326 17.53 -11.83 -20.05
N LYS A 327 18.12 -11.38 -18.94
CA LYS A 327 18.35 -9.94 -18.76
C LYS A 327 19.85 -9.74 -18.57
N THR A 328 20.29 -8.48 -18.57
CA THR A 328 21.69 -8.10 -18.37
C THR A 328 21.87 -7.48 -17.00
N VAL A 329 22.93 -7.88 -16.32
CA VAL A 329 23.31 -7.40 -14.99
C VAL A 329 23.79 -5.96 -15.04
N VAL A 330 23.24 -5.14 -14.12
CA VAL A 330 23.86 -3.83 -13.79
C VAL A 330 24.11 -3.87 -12.29
N GLY A 331 25.25 -3.38 -11.83
CA GLY A 331 25.47 -3.25 -10.40
C GLY A 331 26.14 -1.94 -10.10
N TRP A 332 26.08 -1.46 -8.85
CA TRP A 332 26.95 -0.31 -8.45
C TRP A 332 28.43 -0.74 -8.59
N HIS A 333 29.39 0.18 -8.65
CA HIS A 333 30.75 -0.20 -9.14
C HIS A 333 31.50 -1.10 -8.14
N GLN A 334 30.96 -1.28 -6.91
CA GLN A 334 31.51 -2.34 -6.04
C GLN A 334 31.53 -3.72 -6.72
N LEU A 335 30.66 -3.93 -7.67
CA LEU A 335 30.63 -5.19 -8.42
C LEU A 335 31.95 -5.39 -9.22
N ALA A 336 32.67 -4.29 -9.52
CA ALA A 336 33.91 -4.39 -10.30
C ALA A 336 34.94 -5.22 -9.55
N GLY A 337 34.89 -5.18 -8.22
CA GLY A 337 35.75 -6.03 -7.42
C GLY A 337 35.24 -7.44 -7.12
N ALA A 338 34.25 -7.91 -7.88
CA ALA A 338 33.66 -9.21 -7.64
C ALA A 338 33.34 -9.95 -8.95
N GLU A 339 34.23 -9.86 -9.93
CA GLU A 339 34.12 -10.67 -11.16
C GLU A 339 32.85 -10.40 -11.95
N PRO A 340 32.71 -9.17 -12.52
CA PRO A 340 31.48 -8.97 -13.27
C PRO A 340 31.35 -9.98 -14.41
N VAL A 341 30.18 -10.54 -14.66
CA VAL A 341 30.04 -11.43 -15.80
C VAL A 341 30.18 -10.68 -17.16
N GLU A 342 30.36 -11.46 -18.23
CA GLU A 342 30.34 -10.97 -19.60
C GLU A 342 29.03 -10.23 -19.89
N GLY A 343 29.10 -9.01 -20.42
CA GLY A 343 27.92 -8.22 -20.66
C GLY A 343 27.50 -7.33 -19.45
N ALA A 344 27.98 -7.60 -18.23
CA ALA A 344 27.47 -6.83 -17.07
C ALA A 344 27.87 -5.34 -17.13
N LEU A 345 27.01 -4.40 -16.72
CA LEU A 345 27.45 -3.01 -16.60
C LEU A 345 27.68 -2.65 -15.13
N VAL A 346 28.67 -1.80 -14.86
CA VAL A 346 28.79 -1.25 -13.51
C VAL A 346 28.58 0.25 -13.52
N GLN A 347 27.97 0.72 -12.42
CA GLN A 347 27.59 2.11 -12.31
C GLN A 347 28.50 2.76 -11.30
N TYR A 348 29.36 3.70 -11.77
CA TYR A 348 30.33 4.34 -10.89
C TYR A 348 29.69 5.50 -10.14
N TRP A 349 29.70 5.44 -8.81
CA TRP A 349 29.07 6.51 -8.04
C TRP A 349 30.10 7.22 -7.16
N GLY A 350 31.39 7.00 -7.44
CA GLY A 350 32.48 7.53 -6.59
C GLY A 350 32.60 9.04 -6.80
N LEU A 351 33.61 9.63 -6.15
CA LEU A 351 33.84 11.09 -6.16
C LEU A 351 35.34 11.39 -6.12
N ASP A 352 35.72 12.65 -6.22
CA ASP A 352 37.16 12.91 -6.31
C ASP A 352 37.96 12.26 -5.16
N ARG A 353 37.45 12.30 -3.94
CA ARG A 353 38.23 11.64 -2.84
C ARG A 353 38.13 10.11 -2.75
N THR A 354 37.37 9.45 -3.64
CA THR A 354 37.41 7.98 -3.71
C THR A 354 38.86 7.50 -3.93
N SER A 355 39.31 6.46 -3.24
CA SER A 355 40.72 6.16 -3.30
C SER A 355 41.16 5.83 -4.73
N ASP A 356 42.45 6.09 -5.03
CA ASP A 356 43.03 5.67 -6.27
C ASP A 356 42.90 4.15 -6.51
N ALA A 357 43.10 3.33 -5.50
CA ALA A 357 42.99 1.88 -5.71
C ALA A 357 41.54 1.54 -6.16
N GLU A 358 40.57 2.24 -5.59
CA GLU A 358 39.16 1.88 -5.90
C GLU A 358 38.84 2.31 -7.35
N LYS A 359 39.18 3.56 -7.72
CA LYS A 359 39.12 4.01 -9.12
C LYS A 359 39.84 3.07 -10.12
N ALA A 360 41.06 2.59 -9.75
CA ALA A 360 41.86 1.71 -10.63
C ALA A 360 41.14 0.35 -10.85
N GLN A 361 40.54 -0.16 -9.80
CA GLN A 361 39.72 -1.37 -9.91
C GLN A 361 38.52 -1.24 -10.92
N VAL A 362 37.79 -0.11 -10.87
CA VAL A 362 36.74 0.15 -11.80
C VAL A 362 37.34 0.33 -13.21
N ALA A 363 38.46 1.08 -13.34
CA ALA A 363 39.10 1.24 -14.67
C ALA A 363 39.62 -0.12 -15.21
N ALA A 364 40.18 -0.96 -14.33
CA ALA A 364 40.60 -2.33 -14.72
C ALA A 364 39.45 -3.13 -15.38
N ALA A 365 38.26 -3.05 -14.77
CA ALA A 365 37.07 -3.75 -15.30
C ALA A 365 36.64 -3.16 -16.62
N ALA A 366 36.68 -1.85 -16.74
CA ALA A 366 36.40 -1.22 -18.03
C ALA A 366 37.42 -1.70 -19.12
N ARG A 367 38.71 -1.74 -18.81
CA ARG A 367 39.70 -2.31 -19.78
C ARG A 367 39.42 -3.78 -20.15
N ASN A 368 38.84 -4.50 -19.19
CA ASN A 368 38.44 -5.87 -19.37
C ASN A 368 37.11 -6.01 -20.14
N GLY A 369 36.50 -4.87 -20.52
CA GLY A 369 35.29 -4.92 -21.34
C GLY A 369 33.98 -4.76 -20.58
N THR A 370 34.06 -4.60 -19.27
CA THR A 370 32.84 -4.21 -18.47
C THR A 370 32.36 -2.76 -18.85
N GLY A 371 31.12 -2.60 -19.31
CA GLY A 371 30.61 -1.25 -19.61
C GLY A 371 30.39 -0.45 -18.34
N LEU A 372 30.53 0.87 -18.45
CA LEU A 372 30.54 1.78 -17.33
C LEU A 372 29.38 2.79 -17.49
N ILE A 373 28.59 2.99 -16.41
CA ILE A 373 27.60 4.07 -16.34
C ILE A 373 28.19 5.02 -15.34
N LEU A 374 28.31 6.28 -15.73
CA LEU A 374 28.94 7.21 -14.80
C LEU A 374 27.91 8.03 -14.03
N SER A 375 27.95 7.97 -12.70
CA SER A 375 27.06 8.89 -11.97
C SER A 375 27.75 9.34 -10.71
N PRO A 376 28.82 10.12 -10.84
CA PRO A 376 29.65 10.43 -9.65
C PRO A 376 28.89 11.22 -8.61
N ALA A 377 29.09 10.86 -7.35
CA ALA A 377 28.30 11.41 -6.22
C ALA A 377 28.57 12.92 -6.09
N ASP A 378 29.72 13.39 -6.52
CA ASP A 378 29.96 14.83 -6.44
C ASP A 378 29.72 15.53 -7.78
N ARG A 379 28.97 14.90 -8.68
CA ARG A 379 28.57 15.51 -9.96
C ARG A 379 27.06 15.40 -10.24
N THR A 380 26.51 14.18 -10.27
CA THR A 380 25.16 14.02 -10.75
C THR A 380 24.20 13.50 -9.70
N TYR A 381 24.62 13.40 -8.43
CA TYR A 381 23.65 13.07 -7.37
C TYR A 381 22.77 14.26 -7.14
N LEU A 382 21.49 14.16 -7.51
CA LEU A 382 20.55 15.28 -7.39
C LEU A 382 20.09 15.54 -5.95
N ASP A 383 20.32 14.60 -5.02
CA ASP A 383 20.03 14.91 -3.63
C ASP A 383 21.17 15.67 -2.93
N MET A 384 22.29 15.90 -3.62
CA MET A 384 23.38 16.59 -2.95
C MET A 384 23.04 18.08 -2.90
N LYS A 385 23.16 18.66 -1.72
CA LYS A 385 23.06 20.12 -1.53
CA LYS A 385 23.05 20.12 -1.52
C LYS A 385 23.83 20.97 -2.53
N TYR A 386 23.26 22.13 -2.89
CA TYR A 386 23.90 23.00 -3.79
C TYR A 386 24.98 23.79 -3.05
N THR A 387 24.68 24.20 -1.84
CA THR A 387 25.61 24.98 -0.99
C THR A 387 25.27 24.60 0.46
N LYS A 388 26.07 25.13 1.40
CA LYS A 388 25.78 24.93 2.82
C LYS A 388 24.42 25.43 3.22
N ASP A 389 23.75 26.28 2.40
CA ASP A 389 22.44 26.78 2.81
C ASP A 389 21.23 26.03 2.23
N THR A 390 21.43 25.02 1.37
CA THR A 390 20.26 24.31 0.81
C THR A 390 19.50 23.60 1.95
N PRO A 391 18.17 23.81 2.05
CA PRO A 391 17.42 23.28 3.23
C PRO A 391 17.15 21.77 3.15
N LEU A 392 17.33 21.13 2.00
CA LEU A 392 17.05 19.69 1.87
C LEU A 392 18.35 19.07 1.31
N GLY A 393 18.41 17.73 1.25
CA GLY A 393 19.54 17.05 0.56
C GLY A 393 20.66 16.73 1.54
N LEU A 394 21.73 16.11 1.05
CA LEU A 394 22.83 15.63 1.92
C LEU A 394 24.10 16.34 1.42
N SER A 395 25.20 16.19 2.17
CA SER A 395 26.42 16.84 1.70
C SER A 395 27.61 15.93 1.89
N TRP A 396 27.38 14.63 1.99
CA TRP A 396 28.49 13.75 2.27
C TRP A 396 29.48 13.81 1.10
N ALA A 397 29.01 14.22 -0.09
CA ALA A 397 29.90 14.25 -1.27
C ALA A 397 30.41 15.68 -1.52
N GLY A 398 30.18 16.58 -0.57
CA GLY A 398 30.54 17.99 -0.80
C GLY A 398 29.33 18.72 -1.35
N TYR A 399 29.49 20.02 -1.67
CA TYR A 399 28.37 20.79 -2.22
C TYR A 399 28.52 20.72 -3.75
N VAL A 400 27.39 20.58 -4.42
CA VAL A 400 27.41 20.45 -5.88
C VAL A 400 26.53 21.54 -6.54
N GLU A 401 27.16 22.63 -6.99
CA GLU A 401 26.43 23.67 -7.62
C GLU A 401 26.21 23.29 -9.09
N VAL A 402 25.48 24.13 -9.82
CA VAL A 402 25.00 23.80 -11.17
C VAL A 402 26.22 23.64 -12.12
N ARG A 403 27.18 24.56 -12.04
CA ARG A 403 28.33 24.42 -12.95
C ARG A 403 29.06 23.10 -12.72
N ARG A 404 29.33 22.79 -11.45
CA ARG A 404 30.06 21.56 -11.21
C ARG A 404 29.28 20.32 -11.75
N SER A 405 27.96 20.29 -11.59
CA SER A 405 27.23 19.11 -12.06
CA SER A 405 27.22 19.10 -12.07
C SER A 405 27.35 18.96 -13.59
N TYR A 406 27.48 20.08 -14.32
CA TYR A 406 27.54 20.06 -15.78
C TYR A 406 28.93 19.91 -16.39
N ASP A 407 29.93 20.46 -15.74
CA ASP A 407 31.13 20.85 -16.49
C ASP A 407 32.23 19.80 -16.40
N TRP A 408 32.01 18.66 -17.02
CA TRP A 408 32.96 17.55 -17.11
C TRP A 408 32.62 16.76 -18.36
N ASP A 409 33.48 15.79 -18.69
CA ASP A 409 33.39 15.12 -19.95
C ASP A 409 33.44 13.61 -19.60
N PRO A 410 32.31 12.89 -19.84
CA PRO A 410 32.24 11.50 -19.44
C PRO A 410 33.30 10.71 -20.19
N ALA A 411 33.68 11.18 -21.39
CA ALA A 411 34.76 10.49 -22.13
C ALA A 411 36.17 10.68 -21.58
N ALA A 412 36.39 11.61 -20.67
CA ALA A 412 37.75 11.90 -20.23
C ALA A 412 37.56 12.20 -18.77
N TYR A 413 37.23 11.18 -17.98
CA TYR A 413 36.83 11.40 -16.58
C TYR A 413 37.52 10.42 -15.64
N LEU A 414 37.29 9.13 -15.81
CA LEU A 414 37.84 8.16 -14.87
C LEU A 414 39.25 7.73 -15.38
N PRO A 415 40.32 8.07 -14.63
CA PRO A 415 41.66 7.77 -15.17
C PRO A 415 41.84 6.30 -15.50
N GLY A 416 42.34 5.99 -16.68
CA GLY A 416 42.66 4.60 -17.05
C GLY A 416 41.51 3.74 -17.67
N ALA A 417 40.29 4.28 -17.71
CA ALA A 417 39.15 3.57 -18.30
C ALA A 417 39.11 4.02 -19.77
N PRO A 418 38.99 3.10 -20.74
CA PRO A 418 38.82 3.59 -22.11
C PRO A 418 37.53 4.38 -22.29
N ALA A 419 37.56 5.41 -23.13
CA ALA A 419 36.35 6.15 -23.54
C ALA A 419 35.28 5.20 -24.08
N GLU A 420 35.72 4.17 -24.81
CA GLU A 420 34.83 3.23 -25.41
C GLU A 420 34.04 2.46 -24.40
N ALA A 421 34.53 2.38 -23.17
CA ALA A 421 33.78 1.60 -22.12
C ALA A 421 32.54 2.39 -21.59
N VAL A 422 32.51 3.72 -21.80
CA VAL A 422 31.46 4.59 -21.19
C VAL A 422 30.16 4.41 -21.95
N ARG A 423 29.19 3.78 -21.29
CA ARG A 423 27.89 3.56 -21.92
CA ARG A 423 27.88 3.56 -21.95
C ARG A 423 26.99 4.81 -21.88
N GLY A 424 27.22 5.62 -20.85
CA GLY A 424 26.54 6.90 -20.65
C GLY A 424 26.53 7.32 -19.21
N VAL A 425 25.45 8.03 -18.77
CA VAL A 425 25.50 8.69 -17.53
C VAL A 425 24.15 8.52 -16.81
N GLU A 426 24.12 8.78 -15.50
CA GLU A 426 22.83 8.76 -14.80
C GLU A 426 22.82 9.89 -13.77
N ALA A 427 21.61 10.43 -13.50
CA ALA A 427 21.40 11.43 -12.48
C ALA A 427 20.53 10.80 -11.35
N PRO A 428 21.16 10.34 -10.25
CA PRO A 428 20.27 9.70 -9.25
C PRO A 428 19.68 10.69 -8.26
N LEU A 429 18.44 10.42 -7.87
CA LEU A 429 17.80 11.29 -6.87
C LEU A 429 17.49 10.43 -5.63
N TRP A 430 18.36 10.46 -4.62
CA TRP A 430 18.08 9.71 -3.37
C TRP A 430 17.10 10.44 -2.47
N THR A 431 16.33 9.68 -1.65
CA THR A 431 15.25 10.35 -0.95
C THR A 431 15.25 10.29 0.57
N GLU A 432 16.41 10.10 1.18
CA GLU A 432 16.51 10.20 2.68
C GLU A 432 15.79 11.50 3.20
N THR A 433 15.91 12.61 2.47
CA THR A 433 15.46 13.89 2.99
C THR A 433 14.28 14.46 2.23
N LEU A 434 13.77 13.72 1.25
CA LEU A 434 12.75 14.27 0.36
C LEU A 434 11.45 13.44 0.46
N SER A 435 10.32 14.07 0.73
CA SER A 435 9.14 13.27 0.97
C SER A 435 7.96 13.80 0.16
N ASP A 436 8.16 14.81 -0.66
CA ASP A 436 7.05 15.16 -1.53
C ASP A 436 7.54 15.61 -2.88
N PRO A 437 6.67 15.59 -3.90
CA PRO A 437 7.15 15.83 -5.28
C PRO A 437 7.69 17.27 -5.53
N ASP A 438 7.23 18.25 -4.77
CA ASP A 438 7.74 19.61 -4.99
C ASP A 438 9.18 19.65 -4.53
N GLN A 439 9.49 18.87 -3.48
CA GLN A 439 10.85 18.76 -3.00
C GLN A 439 11.72 18.04 -4.03
N LEU A 440 11.18 17.03 -4.69
CA LEU A 440 11.95 16.36 -5.76
C LEU A 440 12.33 17.40 -6.85
N ASP A 441 11.37 18.23 -7.24
CA ASP A 441 11.62 19.17 -8.35
C ASP A 441 12.69 20.17 -7.93
N PHE A 442 12.61 20.67 -6.70
CA PHE A 442 13.62 21.69 -6.22
C PHE A 442 15.07 21.16 -6.27
N MET A 443 15.23 19.87 -5.90
CA MET A 443 16.54 19.22 -5.93
C MET A 443 16.94 18.74 -7.36
N ALA A 444 15.95 18.39 -8.20
CA ALA A 444 16.27 17.88 -9.53
C ALA A 444 16.56 19.03 -10.47
N PHE A 445 15.92 20.18 -10.28
CA PHE A 445 16.04 21.29 -11.24
C PHE A 445 16.82 22.41 -10.58
N PRO A 446 17.84 22.96 -11.24
CA PRO A 446 18.12 22.92 -12.66
C PRO A 446 19.29 21.97 -13.09
N ARG A 447 19.74 21.05 -12.22
CA ARG A 447 20.85 20.14 -12.65
C ARG A 447 20.44 19.00 -13.65
N LEU A 448 19.20 18.57 -13.57
CA LEU A 448 18.73 17.43 -14.35
C LEU A 448 18.98 17.63 -15.87
N PRO A 449 18.63 18.81 -16.44
CA PRO A 449 18.88 18.97 -17.89
C PRO A 449 20.37 18.92 -18.22
N GLY A 450 21.21 19.38 -17.27
CA GLY A 450 22.67 19.29 -17.48
C GLY A 450 23.16 17.85 -17.68
N VAL A 451 22.68 16.90 -16.87
CA VAL A 451 23.15 15.51 -17.00
C VAL A 451 22.62 14.91 -18.30
N ALA A 452 21.37 15.27 -18.64
CA ALA A 452 20.78 14.88 -19.92
C ALA A 452 21.64 15.35 -21.09
N GLU A 453 22.15 16.58 -21.03
CA GLU A 453 23.02 17.07 -22.12
C GLU A 453 24.34 16.28 -22.20
N LEU A 454 24.96 15.97 -21.05
CA LEU A 454 26.15 15.13 -21.04
C LEU A 454 25.88 13.79 -21.69
N GLY A 455 24.71 13.20 -21.42
CA GLY A 455 24.39 11.99 -22.10
C GLY A 455 24.15 12.05 -23.62
N TRP A 456 23.52 13.13 -24.07
CA TRP A 456 22.99 13.30 -25.43
C TRP A 456 23.96 14.04 -26.38
N SER A 457 24.41 15.20 -25.94
CA SER A 457 25.03 16.19 -26.89
C SER A 457 26.52 15.85 -27.30
N PRO A 458 26.95 16.26 -28.54
CA PRO A 458 28.35 16.04 -28.90
C PRO A 458 29.29 16.73 -27.93
N ALA A 459 30.49 16.20 -27.75
CA ALA A 459 31.47 16.93 -26.85
C ALA A 459 31.81 18.35 -27.40
N SER A 460 31.74 18.50 -28.72
CA SER A 460 32.08 19.78 -29.37
C SER A 460 31.09 20.88 -29.02
N THR A 461 29.88 20.55 -28.52
CA THR A 461 28.90 21.57 -28.09
C THR A 461 29.06 21.93 -26.61
N HIS A 462 29.94 21.25 -25.88
CA HIS A 462 30.01 21.37 -24.40
C HIS A 462 30.70 22.70 -24.03
N ASP A 463 30.04 23.56 -23.22
CA ASP A 463 30.60 24.86 -22.88
C ASP A 463 29.72 25.57 -21.87
N TRP A 464 30.25 25.73 -20.68
CA TRP A 464 29.50 26.30 -19.54
C TRP A 464 28.92 27.69 -19.86
N ASP A 465 29.71 28.53 -20.48
CA ASP A 465 29.31 29.98 -20.62
C ASP A 465 28.13 30.10 -21.56
N THR A 466 28.08 29.26 -22.58
CA THR A 466 26.93 29.27 -23.46
C THR A 466 25.82 28.31 -23.02
N TYR A 467 26.16 27.16 -22.45
CA TYR A 467 25.09 26.32 -21.84
C TYR A 467 24.27 27.07 -20.78
N LYS A 468 24.91 27.82 -19.87
CA LYS A 468 24.17 28.50 -18.82
C LYS A 468 23.13 29.48 -19.30
N VAL A 469 23.32 30.06 -20.47
CA VAL A 469 22.30 30.89 -21.16
C VAL A 469 21.17 30.00 -21.72
N ARG A 470 21.50 28.84 -22.31
CA ARG A 470 20.39 27.89 -22.71
C ARG A 470 19.60 27.44 -21.43
N LEU A 471 20.28 27.24 -20.32
CA LEU A 471 19.63 26.79 -19.08
C LEU A 471 18.70 27.91 -18.54
N ALA A 472 19.17 29.16 -18.57
CA ALA A 472 18.40 30.29 -18.10
C ALA A 472 17.12 30.37 -18.93
N GLY A 473 17.21 30.07 -20.23
CA GLY A 473 16.06 30.07 -21.10
C GLY A 473 14.99 29.00 -20.77
N GLN A 474 15.27 28.04 -19.91
CA GLN A 474 14.29 27.04 -19.58
C GLN A 474 13.32 27.57 -18.50
N ALA A 475 13.78 28.57 -17.72
CA ALA A 475 13.05 29.00 -16.49
C ALA A 475 11.61 29.46 -16.74
N PRO A 476 11.40 30.31 -17.77
CA PRO A 476 10.01 30.67 -18.12
C PRO A 476 9.14 29.44 -18.42
N HIS A 477 9.71 28.42 -19.04
CA HIS A 477 8.94 27.19 -19.33
C HIS A 477 8.61 26.45 -18.04
N TRP A 478 9.61 26.30 -17.16
CA TRP A 478 9.38 25.69 -15.84
C TRP A 478 8.28 26.41 -15.07
N GLU A 479 8.36 27.74 -15.06
CA GLU A 479 7.38 28.56 -14.39
C GLU A 479 5.99 28.32 -14.94
N ALA A 480 5.84 28.32 -16.26
CA ALA A 480 4.57 27.96 -16.87
C ALA A 480 4.14 26.52 -16.55
N MET A 481 5.09 25.58 -16.40
CA MET A 481 4.72 24.20 -16.09
C MET A 481 4.51 24.02 -14.61
N GLY A 482 4.82 25.03 -13.78
CA GLY A 482 4.65 24.88 -12.32
C GLY A 482 5.78 24.07 -11.67
N ILE A 483 6.99 24.08 -12.24
CA ILE A 483 8.07 23.23 -11.76
C ILE A 483 8.97 24.08 -10.87
N ASP A 484 9.03 23.80 -9.55
CA ASP A 484 9.98 24.51 -8.69
C ASP A 484 11.45 24.16 -9.01
N TYR A 485 12.38 25.09 -8.77
CA TYR A 485 13.76 24.88 -9.14
C TYR A 485 14.60 25.86 -8.34
N TYR A 486 15.88 25.51 -8.19
CA TYR A 486 16.82 26.33 -7.45
C TYR A 486 17.35 27.41 -8.36
N ARG A 487 17.11 28.67 -8.03
CA ARG A 487 17.59 29.76 -8.86
C ARG A 487 19.07 30.01 -8.57
N SER A 488 19.97 29.12 -8.98
CA SER A 488 21.39 29.30 -8.71
C SER A 488 21.90 30.69 -9.13
N PRO A 489 22.80 31.29 -8.30
CA PRO A 489 23.42 32.56 -8.73
C PRO A 489 24.46 32.31 -9.82
N GLN A 490 24.83 31.07 -10.10
CA GLN A 490 25.75 30.85 -11.24
C GLN A 490 25.07 31.03 -12.60
N VAL A 491 23.75 31.05 -12.65
CA VAL A 491 23.05 31.07 -13.93
C VAL A 491 22.43 32.46 -14.17
N PRO A 492 22.49 32.96 -15.42
CA PRO A 492 21.99 34.29 -15.71
C PRO A 492 20.46 34.34 -16.03
N TRP A 493 19.65 34.08 -15.00
CA TRP A 493 18.20 33.99 -15.16
C TRP A 493 17.70 35.36 -15.62
N THR A 494 16.68 35.38 -16.47
CA THR A 494 16.15 36.62 -17.02
C THR A 494 15.00 37.06 -16.14
N GLU B 2 9.06 4.62 33.10
CA GLU B 2 7.84 4.79 33.94
C GLU B 2 6.63 4.09 33.30
N PRO B 3 5.86 3.35 34.09
CA PRO B 3 4.70 2.51 33.60
C PRO B 3 3.68 3.31 32.80
N THR B 4 3.12 2.73 31.74
CA THR B 4 2.01 3.31 31.03
C THR B 4 0.96 3.88 32.00
N PRO B 5 0.50 5.12 31.82
CA PRO B 5 -0.56 5.66 32.65
C PRO B 5 -1.80 4.76 32.63
N LEU B 6 -2.49 4.77 33.76
CA LEU B 6 -3.63 3.91 33.97
C LEU B 6 -4.77 4.10 32.92
N ASP B 7 -4.92 5.30 32.35
CA ASP B 7 -6.00 5.58 31.42
C ASP B 7 -5.59 5.26 29.96
N ARG B 8 -4.34 4.91 29.72
CA ARG B 8 -3.90 4.61 28.36
C ARG B 8 -4.24 3.18 27.87
N VAL B 9 -5.52 2.95 27.70
N VAL B 9 -5.55 2.95 27.73
CA VAL B 9 -5.95 1.68 27.21
CA VAL B 9 -6.14 1.65 27.42
C VAL B 9 -7.10 1.94 26.22
C VAL B 9 -7.16 1.93 26.27
N ILE B 10 -7.33 0.97 25.34
CA ILE B 10 -8.43 1.08 24.35
C ILE B 10 -9.21 -0.25 24.43
N PRO B 11 -10.56 -0.19 24.55
CA PRO B 11 -11.41 0.98 24.74
C PRO B 11 -11.05 1.78 25.98
N ALA B 12 -11.16 3.10 25.87
CA ALA B 12 -11.18 3.97 27.05
C ALA B 12 -12.08 3.40 28.15
N PRO B 13 -11.51 3.17 29.38
CA PRO B 13 -12.45 2.52 30.39
C PRO B 13 -13.55 3.53 30.84
N ALA B 14 -14.68 3.04 31.35
CA ALA B 14 -15.74 3.90 31.82
C ALA B 14 -15.26 4.81 32.97
N SER B 15 -14.32 4.34 33.81
CA SER B 15 -13.88 5.16 34.97
C SER B 15 -12.46 4.78 35.33
N VAL B 16 -11.59 5.76 35.38
CA VAL B 16 -10.20 5.56 35.71
C VAL B 16 -9.78 6.57 36.81
N GLU B 17 -9.30 6.04 37.95
CA GLU B 17 -8.82 6.86 39.07
CA GLU B 17 -8.87 6.81 39.13
C GLU B 17 -7.43 6.40 39.48
N PRO B 18 -6.42 7.00 38.86
CA PRO B 18 -5.00 6.59 39.11
C PRO B 18 -4.63 7.01 40.53
N GLY B 19 -3.75 6.26 41.16
CA GLY B 19 -3.18 6.70 42.45
C GLY B 19 -2.40 5.60 43.13
N GLY B 20 -1.56 5.93 44.10
CA GLY B 20 -0.79 4.92 44.85
C GLY B 20 0.45 4.62 44.01
N ALA B 21 1.20 3.61 44.38
CA ALA B 21 2.37 3.20 43.65
C ALA B 21 1.97 2.03 42.75
N PRO B 22 2.81 1.65 41.75
CA PRO B 22 2.44 0.55 40.87
C PRO B 22 2.62 -0.83 41.49
N TYR B 23 1.98 -1.85 40.92
CA TYR B 23 2.33 -3.20 41.30
C TYR B 23 3.55 -3.67 40.49
N ARG B 24 4.50 -4.39 41.12
CA ARG B 24 5.61 -5.00 40.37
CA ARG B 24 5.64 -4.98 40.42
C ARG B 24 5.38 -6.50 40.27
N ILE B 25 5.20 -6.99 39.04
CA ILE B 25 5.14 -8.44 38.89
C ILE B 25 6.57 -8.93 39.08
N THR B 26 6.76 -9.93 39.95
CA THR B 26 8.11 -10.41 40.27
C THR B 26 8.02 -11.93 40.22
N ARG B 27 9.16 -12.59 40.45
CA ARG B 27 9.19 -14.04 40.62
C ARG B 27 8.31 -14.53 41.76
N GLY B 28 7.92 -13.67 42.69
CA GLY B 28 6.93 -14.01 43.76
C GLY B 28 5.44 -13.93 43.34
N THR B 29 5.17 -13.40 42.15
CA THR B 29 3.78 -13.14 41.72
C THR B 29 3.08 -14.48 41.46
N HIS B 30 1.83 -14.62 41.91
CA HIS B 30 1.07 -15.83 41.58
C HIS B 30 -0.31 -15.34 41.09
N ILE B 31 -1.12 -16.24 40.47
CA ILE B 31 -2.44 -15.84 39.95
C ILE B 31 -3.45 -16.55 40.80
N ARG B 32 -4.12 -15.82 41.70
CA ARG B 32 -4.96 -16.48 42.71
C ARG B 32 -6.43 -16.54 42.26
N VAL B 33 -7.04 -17.71 42.29
CA VAL B 33 -8.42 -17.84 41.79
C VAL B 33 -9.30 -18.61 42.80
N ASP B 34 -10.62 -18.43 42.62
N ASP B 34 -10.62 -18.45 42.80
CA ASP B 34 -11.72 -19.08 43.34
CA ASP B 34 -11.38 -19.27 43.74
C ASP B 34 -11.68 -20.58 43.04
C ASP B 34 -11.77 -20.54 43.03
N ASP B 35 -12.46 -21.37 43.76
CA ASP B 35 -12.56 -22.77 43.42
C ASP B 35 -13.69 -22.92 42.40
N SER B 36 -13.39 -22.63 41.14
CA SER B 36 -14.42 -22.28 40.15
C SER B 36 -13.77 -22.58 38.83
N ARG B 37 -14.27 -23.59 38.11
CA ARG B 37 -13.71 -23.95 36.79
C ARG B 37 -13.68 -22.69 35.88
N GLU B 38 -14.70 -21.84 35.96
N GLU B 38 -14.69 -21.81 35.94
CA GLU B 38 -14.75 -20.65 35.13
CA GLU B 38 -14.67 -20.64 35.03
C GLU B 38 -13.56 -19.71 35.47
C GLU B 38 -13.59 -19.61 35.45
N ALA B 39 -13.39 -19.42 36.76
CA ALA B 39 -12.27 -18.57 37.22
C ALA B 39 -10.90 -19.19 36.88
N ARG B 40 -10.75 -20.49 37.12
CA ARG B 40 -9.50 -21.16 36.81
C ARG B 40 -9.10 -21.09 35.31
N ARG B 41 -10.08 -21.22 34.41
CA ARG B 41 -9.78 -21.06 32.98
C ARG B 41 -9.19 -19.66 32.69
N VAL B 42 -9.77 -18.58 33.25
CA VAL B 42 -9.20 -17.24 33.06
C VAL B 42 -7.77 -17.14 33.68
N GLY B 43 -7.62 -17.70 34.88
CA GLY B 43 -6.28 -17.80 35.55
C GLY B 43 -5.26 -18.41 34.65
N ASP B 44 -5.58 -19.57 34.09
CA ASP B 44 -4.62 -20.26 33.17
C ASP B 44 -4.35 -19.49 31.90
N TYR B 45 -5.39 -18.85 31.38
CA TYR B 45 -5.21 -17.97 30.21
C TYR B 45 -4.23 -16.87 30.53
N LEU B 46 -4.40 -16.25 31.71
CA LEU B 46 -3.50 -15.13 32.08
C LEU B 46 -2.11 -15.64 32.32
N ALA B 47 -1.98 -16.81 32.96
CA ALA B 47 -0.65 -17.42 33.16
C ALA B 47 0.04 -17.67 31.83
N ASP B 48 -0.67 -18.23 30.86
CA ASP B 48 -0.09 -18.37 29.50
C ASP B 48 0.37 -17.10 28.89
N LEU B 49 -0.41 -16.04 29.12
CA LEU B 49 -0.09 -14.73 28.59
C LEU B 49 1.20 -14.17 29.21
N LEU B 50 1.39 -14.39 30.52
CA LEU B 50 2.53 -13.73 31.21
C LEU B 50 3.83 -14.58 31.32
N ARG B 51 3.74 -15.91 31.38
CA ARG B 51 4.93 -16.76 31.66
C ARG B 51 6.04 -16.59 30.62
N PRO B 52 5.68 -16.58 29.30
CA PRO B 52 6.80 -16.66 28.34
C PRO B 52 7.71 -15.41 28.37
N ALA B 53 7.17 -14.18 28.39
CA ALA B 53 8.01 -12.98 28.43
C ALA B 53 8.63 -12.69 29.84
N THR B 54 7.91 -12.96 30.94
CA THR B 54 8.52 -12.66 32.25
C THR B 54 9.53 -13.73 32.62
N GLY B 55 9.30 -14.96 32.20
CA GLY B 55 10.15 -16.02 32.66
C GLY B 55 9.78 -16.49 34.06
N TYR B 56 8.77 -15.91 34.68
CA TYR B 56 8.42 -16.31 36.09
C TYR B 56 7.48 -17.52 36.12
N ARG B 57 7.47 -18.26 37.23
N ARG B 57 7.47 -18.26 37.23
CA ARG B 57 6.64 -19.48 37.33
CA ARG B 57 6.65 -19.49 37.33
C ARG B 57 5.16 -19.12 37.26
C ARG B 57 5.16 -19.14 37.28
N LEU B 58 4.77 -18.09 38.00
CA LEU B 58 3.40 -17.61 38.00
C LEU B 58 2.41 -18.77 38.16
N PRO B 59 2.50 -19.51 39.29
CA PRO B 59 1.50 -20.56 39.54
C PRO B 59 0.07 -19.98 39.72
N VAL B 60 -0.93 -20.82 39.36
CA VAL B 60 -2.33 -20.48 39.55
C VAL B 60 -2.72 -21.13 40.88
N THR B 61 -3.17 -20.37 41.85
CA THR B 61 -3.17 -20.83 43.25
C THR B 61 -4.53 -20.56 43.87
N SER B 62 -4.73 -21.17 45.04
CA SER B 62 -5.88 -20.86 45.89
C SER B 62 -5.54 -20.18 47.21
N HIS B 63 -4.29 -19.77 47.40
CA HIS B 63 -3.84 -19.15 48.65
C HIS B 63 -2.69 -18.21 48.35
N GLY B 64 -2.38 -17.33 49.30
CA GLY B 64 -1.32 -16.36 49.14
C GLY B 64 -1.78 -14.90 49.03
N HIS B 65 -1.10 -14.01 49.76
CA HIS B 65 -1.42 -12.59 49.73
C HIS B 65 -0.94 -12.04 48.36
N GLY B 66 -1.39 -10.84 47.96
CA GLY B 66 -0.83 -10.14 46.81
C GLY B 66 -1.00 -10.94 45.51
N GLY B 67 0.06 -10.95 44.70
CA GLY B 67 -0.08 -11.47 43.34
C GLY B 67 -1.17 -10.77 42.50
N ILE B 68 -1.68 -11.52 41.52
CA ILE B 68 -2.81 -11.04 40.75
C ILE B 68 -4.01 -11.89 41.15
N ARG B 69 -4.97 -11.28 41.83
CA ARG B 69 -6.18 -11.96 42.29
C ARG B 69 -7.30 -11.76 41.26
N LEU B 70 -7.94 -12.89 40.85
CA LEU B 70 -9.11 -12.84 40.03
C LEU B 70 -10.30 -13.27 40.91
N ARG B 71 -11.34 -12.44 40.98
CA ARG B 71 -12.45 -12.74 41.91
C ARG B 71 -13.81 -12.59 41.23
N LEU B 72 -14.67 -13.61 41.30
CA LEU B 72 -16.08 -13.51 40.92
C LEU B 72 -16.81 -13.14 42.20
N ALA B 73 -17.53 -12.01 42.16
CA ALA B 73 -18.17 -11.46 43.38
C ALA B 73 -19.46 -10.69 42.99
N GLU B 74 -20.39 -10.56 43.93
CA GLU B 74 -21.51 -9.64 43.82
C GLU B 74 -20.95 -8.25 43.64
N GLY B 75 -21.68 -7.39 42.93
CA GLY B 75 -21.07 -6.14 42.57
C GLY B 75 -21.72 -5.64 41.27
N PRO B 76 -21.48 -4.38 40.93
CA PRO B 76 -22.27 -3.86 39.81
C PRO B 76 -21.57 -4.18 38.47
N TYR B 77 -21.19 -5.41 38.22
CA TYR B 77 -20.34 -5.68 37.04
C TYR B 77 -21.11 -6.12 35.82
N GLY B 78 -22.31 -6.62 36.06
CA GLY B 78 -23.15 -7.13 34.93
C GLY B 78 -22.49 -8.31 34.24
N ASP B 79 -22.88 -8.60 33.00
CA ASP B 79 -22.37 -9.80 32.29
C ASP B 79 -20.93 -9.64 31.88
N GLU B 80 -20.50 -8.39 31.70
CA GLU B 80 -19.22 -8.16 31.01
C GLU B 80 -18.25 -7.18 31.69
N GLY B 81 -18.70 -6.49 32.72
CA GLY B 81 -17.90 -5.45 33.35
C GLY B 81 -16.99 -6.05 34.39
N TYR B 82 -16.10 -5.21 34.92
CA TYR B 82 -15.11 -5.64 35.92
C TYR B 82 -14.61 -4.39 36.61
N ARG B 83 -13.90 -4.65 37.69
CA ARG B 83 -13.07 -3.61 38.30
C ARG B 83 -11.60 -4.11 38.38
N LEU B 84 -10.61 -3.22 38.27
CA LEU B 84 -9.23 -3.63 38.33
C LEU B 84 -8.63 -2.66 39.32
N ASP B 85 -8.05 -3.20 40.37
CA ASP B 85 -7.35 -2.42 41.38
C ASP B 85 -5.88 -2.78 41.32
N SER B 86 -5.02 -1.78 41.37
CA SER B 86 -3.62 -2.04 41.28
C SER B 86 -2.90 -1.20 42.33
N GLY B 87 -1.93 -1.79 43.03
CA GLY B 87 -1.07 -1.01 43.99
C GLY B 87 0.14 -1.84 44.37
N ARG B 88 0.99 -1.28 45.24
N ARG B 88 1.03 -1.30 45.22
CA ARG B 88 2.23 -1.97 45.66
CA ARG B 88 2.27 -2.04 45.55
C ARG B 88 1.91 -3.36 46.12
C ARG B 88 1.92 -3.40 46.14
N GLU B 89 0.75 -3.52 46.75
CA GLU B 89 0.33 -4.82 47.36
C GLU B 89 -0.14 -5.94 46.39
N GLY B 90 -0.55 -5.58 45.19
CA GLY B 90 -1.05 -6.61 44.30
C GLY B 90 -1.97 -5.99 43.27
N VAL B 91 -2.52 -6.84 42.42
CA VAL B 91 -3.50 -6.37 41.44
C VAL B 91 -4.72 -7.26 41.69
N THR B 92 -5.93 -6.71 41.63
CA THR B 92 -7.15 -7.54 41.73
C THR B 92 -8.04 -7.17 40.55
N ILE B 93 -8.59 -8.17 39.89
CA ILE B 93 -9.63 -7.98 38.86
C ILE B 93 -10.88 -8.64 39.39
N THR B 94 -11.95 -7.89 39.55
CA THR B 94 -13.16 -8.46 40.11
C THR B 94 -14.28 -8.36 39.08
N ALA B 95 -15.15 -9.37 39.00
CA ALA B 95 -16.20 -9.32 37.98
C ALA B 95 -17.32 -10.20 38.48
N ARG B 96 -18.45 -10.15 37.78
CA ARG B 96 -19.55 -11.09 38.10
CA ARG B 96 -19.58 -11.06 38.04
C ARG B 96 -19.36 -12.38 37.31
N LYS B 97 -18.93 -12.28 36.05
CA LYS B 97 -18.77 -13.45 35.19
C LYS B 97 -17.39 -13.53 34.61
N ALA B 98 -17.02 -14.73 34.16
CA ALA B 98 -15.73 -15.00 33.49
C ALA B 98 -15.46 -13.97 32.35
N ALA B 99 -16.49 -13.61 31.60
CA ALA B 99 -16.26 -12.61 30.53
C ALA B 99 -15.73 -11.28 31.08
N GLY B 100 -16.25 -10.85 32.24
CA GLY B 100 -15.72 -9.64 32.89
C GLY B 100 -14.27 -9.80 33.33
N LEU B 101 -13.89 -10.98 33.86
CA LEU B 101 -12.49 -11.17 34.28
C LEU B 101 -11.58 -11.18 32.98
N PHE B 102 -12.09 -11.81 31.93
CA PHE B 102 -11.30 -11.84 30.68
C PHE B 102 -11.10 -10.40 30.15
N HIS B 103 -12.17 -9.61 30.15
CA HIS B 103 -12.02 -8.17 29.79
C HIS B 103 -11.01 -7.41 30.68
N GLY B 104 -11.08 -7.56 32.00
CA GLY B 104 -10.02 -7.01 32.82
C GLY B 104 -8.64 -7.47 32.40
N VAL B 105 -8.48 -8.74 32.05
CA VAL B 105 -7.16 -9.20 31.55
C VAL B 105 -6.67 -8.52 30.28
N GLN B 106 -7.62 -8.24 29.37
CA GLN B 106 -7.24 -7.48 28.17
C GLN B 106 -6.80 -6.09 28.55
N THR B 107 -7.44 -5.48 29.57
CA THR B 107 -6.95 -4.18 30.03
C THR B 107 -5.53 -4.28 30.65
N LEU B 108 -5.37 -5.25 31.56
CA LEU B 108 -4.09 -5.49 32.23
C LEU B 108 -2.93 -5.66 31.22
N ARG B 109 -3.14 -6.39 30.12
CA ARG B 109 -2.04 -6.52 29.15
C ARG B 109 -1.62 -5.20 28.48
N GLN B 110 -2.57 -4.29 28.27
CA GLN B 110 -2.21 -3.01 27.67
C GLN B 110 -1.53 -2.13 28.67
N LEU B 111 -1.70 -2.40 29.98
CA LEU B 111 -1.03 -1.60 31.02
C LEU B 111 0.43 -2.04 31.18
N LEU B 112 0.74 -3.28 30.80
CA LEU B 112 2.10 -3.82 30.89
C LEU B 112 2.98 -3.35 29.71
N PRO B 113 4.35 -3.37 29.87
CA PRO B 113 5.18 -3.02 28.71
C PRO B 113 4.92 -3.91 27.49
N ALA B 114 5.18 -3.36 26.30
CA ALA B 114 5.02 -4.14 25.06
C ALA B 114 5.71 -5.48 25.11
N ALA B 115 6.86 -5.55 25.79
CA ALA B 115 7.65 -6.79 25.86
C ALA B 115 6.86 -7.94 26.44
N VAL B 116 5.77 -7.66 27.18
CA VAL B 116 4.97 -8.77 27.71
C VAL B 116 4.41 -9.68 26.56
N GLU B 117 4.31 -9.14 25.34
CA GLU B 117 3.70 -9.92 24.27
C GLU B 117 4.67 -10.86 23.53
N LYS B 118 5.97 -10.84 23.87
CA LYS B 118 7.01 -11.66 23.24
C LYS B 118 6.92 -13.11 23.70
N ASP B 119 7.39 -14.05 22.89
CA ASP B 119 7.15 -15.45 23.23
C ASP B 119 8.38 -16.03 23.94
N SER B 120 9.35 -15.21 24.29
CA SER B 120 10.47 -15.72 25.08
C SER B 120 10.88 -14.69 26.14
N ALA B 121 11.74 -15.06 27.08
CA ALA B 121 12.00 -14.23 28.27
C ALA B 121 12.60 -12.89 27.96
N GLN B 122 12.06 -11.82 28.49
CA GLN B 122 12.57 -10.49 28.20
C GLN B 122 12.99 -9.82 29.49
N PRO B 123 13.84 -8.77 29.40
CA PRO B 123 14.13 -8.03 30.64
C PRO B 123 12.88 -7.37 31.23
N GLY B 124 12.88 -7.18 32.54
CA GLY B 124 11.84 -6.36 33.16
C GLY B 124 12.25 -4.92 32.94
N PRO B 125 11.74 -4.00 33.77
CA PRO B 125 10.83 -4.21 34.88
C PRO B 125 9.40 -4.55 34.43
N TRP B 126 8.56 -4.99 35.36
CA TRP B 126 7.21 -5.34 34.99
C TRP B 126 6.14 -4.59 35.86
N LEU B 127 5.76 -3.37 35.48
CA LEU B 127 4.99 -2.51 36.38
C LEU B 127 3.57 -2.27 35.90
N VAL B 128 2.60 -2.26 36.83
CA VAL B 128 1.22 -1.92 36.49
C VAL B 128 0.89 -0.66 37.30
N ALA B 129 0.62 0.44 36.59
CA ALA B 129 0.28 1.74 37.17
C ALA B 129 -0.73 1.54 38.29
N GLY B 130 -0.55 2.30 39.37
CA GLY B 130 -1.46 2.21 40.53
C GLY B 130 -2.81 2.88 40.31
N GLY B 131 -3.89 2.29 40.86
CA GLY B 131 -5.17 2.98 40.96
C GLY B 131 -6.34 2.01 40.73
N THR B 132 -7.52 2.57 40.42
CA THR B 132 -8.70 1.77 40.20
C THR B 132 -9.33 2.10 38.84
N ILE B 133 -9.64 1.04 38.08
CA ILE B 133 -10.46 1.13 36.85
C ILE B 133 -11.80 0.47 37.14
N GLU B 134 -12.93 1.14 36.90
CA GLU B 134 -14.22 0.45 36.94
C GLU B 134 -14.83 0.55 35.57
N ASP B 135 -15.25 -0.58 35.00
CA ASP B 135 -15.38 -0.60 33.55
C ASP B 135 -16.48 -1.49 33.18
N THR B 136 -17.30 -1.03 32.23
CA THR B 136 -18.52 -1.70 31.80
C THR B 136 -18.89 -1.19 30.36
N PRO B 137 -19.47 -2.05 29.51
CA PRO B 137 -19.63 -1.57 28.10
C PRO B 137 -20.85 -0.65 27.89
N ARG B 138 -20.68 0.30 26.99
CA ARG B 138 -21.76 1.10 26.55
C ARG B 138 -22.81 0.26 25.78
N TYR B 139 -22.39 -0.52 24.75
CA TYR B 139 -23.34 -1.28 23.95
C TYR B 139 -23.08 -2.79 24.11
N ALA B 140 -24.17 -3.56 24.07
CA ALA B 140 -24.07 -5.00 24.11
C ALA B 140 -23.60 -5.62 22.77
N TRP B 141 -23.86 -4.98 21.59
CA TRP B 141 -23.42 -5.59 20.32
C TRP B 141 -22.11 -4.91 19.89
N ARG B 142 -20.97 -5.58 20.03
CA ARG B 142 -19.68 -5.04 19.65
C ARG B 142 -19.03 -6.15 18.80
N SER B 143 -19.12 -6.02 17.49
CA SER B 143 -18.83 -7.19 16.66
CA SER B 143 -18.92 -7.17 16.61
C SER B 143 -17.87 -6.87 15.54
N ALA B 144 -17.15 -7.90 15.10
CA ALA B 144 -16.23 -7.78 13.98
C ALA B 144 -16.71 -8.83 12.98
N MET B 145 -16.71 -8.51 11.67
CA MET B 145 -17.10 -9.54 10.68
C MET B 145 -15.87 -9.95 9.91
N LEU B 146 -15.73 -11.25 9.61
CA LEU B 146 -14.75 -11.69 8.63
C LEU B 146 -15.47 -12.32 7.44
N ASP B 147 -15.15 -11.82 6.25
CA ASP B 147 -15.63 -12.46 4.98
C ASP B 147 -14.73 -13.66 4.67
N VAL B 148 -15.25 -14.89 4.81
CA VAL B 148 -14.45 -16.03 4.37
C VAL B 148 -14.94 -16.64 3.07
N SER B 149 -15.91 -15.96 2.42
CA SER B 149 -16.39 -16.35 1.10
C SER B 149 -15.52 -15.90 -0.05
N ARG B 150 -15.14 -14.63 -0.09
CA ARG B 150 -14.37 -14.08 -1.23
C ARG B 150 -13.01 -14.72 -1.29
N HIS B 151 -12.26 -14.74 -0.17
CA HIS B 151 -11.12 -15.60 -0.06
C HIS B 151 -11.38 -16.42 1.21
N PHE B 152 -10.96 -17.66 1.19
CA PHE B 152 -11.23 -18.58 2.26
C PHE B 152 -10.08 -18.44 3.26
N PHE B 153 -10.38 -18.54 4.54
CA PHE B 153 -9.39 -18.58 5.56
C PHE B 153 -9.61 -19.81 6.42
N SER B 154 -8.53 -20.51 6.79
CA SER B 154 -8.59 -21.81 7.50
C SER B 154 -9.08 -21.62 8.94
N VAL B 155 -9.46 -22.74 9.57
CA VAL B 155 -9.77 -22.66 11.02
C VAL B 155 -8.64 -21.91 11.81
N ASP B 156 -7.36 -22.25 11.57
CA ASP B 156 -6.30 -21.59 12.37
CA ASP B 156 -6.27 -21.61 12.32
C ASP B 156 -6.18 -20.09 12.02
N GLU B 157 -6.44 -19.72 10.80
CA GLU B 157 -6.45 -18.26 10.50
C GLU B 157 -7.61 -17.52 11.17
N VAL B 158 -8.77 -18.18 11.25
CA VAL B 158 -9.96 -17.56 11.89
C VAL B 158 -9.68 -17.40 13.39
N LYS B 159 -9.01 -18.39 13.98
CA LYS B 159 -8.61 -18.33 15.40
C LYS B 159 -7.61 -17.18 15.63
N ARG B 160 -6.69 -17.01 14.67
CA ARG B 160 -5.76 -15.88 14.70
C ARG B 160 -6.56 -14.55 14.72
N TYR B 161 -7.58 -14.47 13.86
CA TYR B 161 -8.42 -13.27 13.80
C TYR B 161 -9.21 -13.05 15.13
N ILE B 162 -9.72 -14.13 15.70
CA ILE B 162 -10.45 -14.11 16.95
C ILE B 162 -9.53 -13.52 17.99
N ASP B 163 -8.26 -13.92 17.93
CA ASP B 163 -7.30 -13.39 18.90
C ASP B 163 -6.99 -11.90 18.72
N ARG B 164 -7.01 -11.41 17.50
CA ARG B 164 -6.92 -9.95 17.28
C ARG B 164 -8.08 -9.19 17.87
N VAL B 165 -9.31 -9.63 17.59
CA VAL B 165 -10.47 -8.86 18.07
C VAL B 165 -10.69 -8.98 19.59
N ALA B 166 -10.25 -10.13 20.16
CA ALA B 166 -10.34 -10.33 21.60
C ALA B 166 -9.58 -9.28 22.43
N LEU B 167 -8.49 -8.77 21.87
CA LEU B 167 -7.72 -7.72 22.53
C LEU B 167 -8.52 -6.49 22.89
N TYR B 168 -9.58 -6.22 22.13
CA TYR B 168 -10.31 -4.97 22.20
C TYR B 168 -11.76 -5.13 22.70
N LYS B 169 -12.06 -6.28 23.31
CA LYS B 169 -13.34 -6.48 24.00
C LYS B 169 -14.55 -6.53 23.08
N TYR B 170 -14.37 -6.82 21.80
CA TYR B 170 -15.48 -7.22 20.91
C TYR B 170 -16.09 -8.46 21.54
N ASN B 171 -17.40 -8.71 21.35
CA ASN B 171 -18.07 -9.87 21.96
C ASN B 171 -18.85 -10.72 20.95
N LYS B 172 -18.78 -10.29 19.67
CA LYS B 172 -19.46 -11.04 18.63
C LYS B 172 -18.57 -11.17 17.41
N LEU B 173 -18.58 -12.34 16.80
CA LEU B 173 -17.80 -12.59 15.59
C LEU B 173 -18.79 -12.99 14.49
N HIS B 174 -18.92 -12.10 13.51
CA HIS B 174 -19.94 -12.33 12.45
C HIS B 174 -19.18 -13.00 11.31
N LEU B 175 -19.57 -14.20 10.89
CA LEU B 175 -18.76 -14.87 9.89
C LEU B 175 -19.59 -14.92 8.66
N HIS B 176 -19.05 -14.35 7.60
CA HIS B 176 -19.85 -14.27 6.36
C HIS B 176 -19.42 -15.50 5.54
N ILE B 177 -20.12 -16.60 5.72
CA ILE B 177 -19.69 -17.89 5.20
C ILE B 177 -20.34 -18.35 3.84
N SER B 178 -21.09 -17.48 3.19
CA SER B 178 -21.54 -17.75 1.81
C SER B 178 -21.67 -16.45 1.06
N ASP B 179 -21.30 -16.53 -0.22
CA ASP B 179 -21.47 -15.41 -1.12
C ASP B 179 -21.42 -15.95 -2.57
N ASP B 180 -21.13 -15.07 -3.52
CA ASP B 180 -21.06 -15.52 -4.91
C ASP B 180 -19.88 -16.43 -5.22
N GLN B 181 -18.81 -16.31 -4.42
CA GLN B 181 -17.50 -16.94 -4.83
C GLN B 181 -17.15 -18.11 -3.91
N GLY B 182 -18.01 -18.41 -2.93
CA GLY B 182 -17.74 -19.61 -2.15
C GLY B 182 -18.83 -19.89 -1.14
N TRP B 183 -18.98 -21.17 -0.75
CA TRP B 183 -19.95 -21.57 0.28
C TRP B 183 -19.07 -22.32 1.27
N ARG B 184 -19.01 -21.88 2.53
CA ARG B 184 -17.93 -22.36 3.38
C ARG B 184 -18.29 -23.32 4.49
N LEU B 185 -19.52 -23.87 4.51
CA LEU B 185 -19.89 -24.77 5.62
C LEU B 185 -20.52 -26.06 5.08
N ALA B 186 -20.09 -27.22 5.56
CA ALA B 186 -20.73 -28.46 5.14
C ALA B 186 -22.18 -28.54 5.60
N ILE B 187 -23.07 -28.82 4.64
CA ILE B 187 -24.50 -29.03 4.92
C ILE B 187 -24.83 -30.45 4.45
N ASP B 188 -25.21 -31.29 5.42
CA ASP B 188 -25.32 -32.73 5.15
C ASP B 188 -26.46 -32.99 4.16
N SER B 189 -27.57 -32.29 4.35
CA SER B 189 -28.71 -32.44 3.43
C SER B 189 -28.45 -31.84 2.06
N TRP B 190 -27.41 -30.99 1.89
CA TRP B 190 -27.13 -30.45 0.55
C TRP B 190 -25.62 -30.44 0.36
N PRO B 191 -25.05 -31.62 0.20
CA PRO B 191 -23.62 -31.81 0.32
C PRO B 191 -22.81 -31.12 -0.77
N ARG B 192 -23.40 -30.82 -1.93
CA ARG B 192 -22.63 -30.20 -2.99
C ARG B 192 -22.32 -28.74 -2.66
N LEU B 193 -23.06 -28.14 -1.70
CA LEU B 193 -22.81 -26.71 -1.39
C LEU B 193 -21.37 -26.50 -0.98
N ALA B 194 -20.85 -27.28 -0.02
CA ALA B 194 -19.46 -27.11 0.40
C ALA B 194 -18.46 -27.66 -0.60
N THR B 195 -18.73 -28.87 -1.11
CA THR B 195 -17.77 -29.54 -1.98
C THR B 195 -17.69 -28.99 -3.38
N TYR B 196 -18.77 -28.49 -3.95
CA TYR B 196 -18.67 -27.81 -5.21
C TYR B 196 -18.70 -26.25 -5.06
N GLY B 197 -19.70 -25.72 -4.35
CA GLY B 197 -19.79 -24.28 -4.12
C GLY B 197 -18.56 -23.81 -3.33
N GLY B 198 -17.91 -24.65 -2.54
CA GLY B 198 -16.70 -24.21 -1.83
C GLY B 198 -15.36 -24.44 -2.54
N SER B 199 -15.39 -24.97 -3.76
CA SER B 199 -14.20 -25.48 -4.40
C SER B 199 -13.27 -24.38 -4.97
N THR B 200 -13.68 -23.12 -5.01
CA THR B 200 -12.75 -22.11 -5.47
C THR B 200 -13.02 -20.78 -4.71
N GLU B 201 -12.60 -19.63 -5.26
CA GLU B 201 -12.76 -18.38 -4.51
C GLU B 201 -12.35 -17.28 -5.47
N VAL B 202 -12.37 -16.02 -5.01
CA VAL B 202 -11.98 -14.86 -5.88
C VAL B 202 -10.58 -15.18 -6.43
N GLY B 203 -10.37 -14.98 -7.73
CA GLY B 203 -9.03 -15.23 -8.24
C GLY B 203 -8.85 -16.66 -8.67
N GLY B 204 -9.81 -17.55 -8.41
CA GLY B 204 -9.71 -18.85 -9.05
C GLY B 204 -8.84 -19.88 -8.36
N GLY B 205 -8.33 -19.55 -7.18
CA GLY B 205 -7.59 -20.53 -6.37
C GLY B 205 -8.45 -21.61 -5.75
N PRO B 206 -7.86 -22.40 -4.85
CA PRO B 206 -8.51 -23.67 -4.46
C PRO B 206 -9.76 -23.63 -3.48
N GLY B 207 -10.00 -22.53 -2.80
CA GLY B 207 -11.21 -22.52 -1.96
C GLY B 207 -11.04 -23.43 -0.76
N GLY B 208 -12.12 -24.07 -0.32
CA GLY B 208 -12.12 -24.78 0.95
C GLY B 208 -13.39 -24.53 1.72
N HIS B 209 -13.68 -25.35 2.74
CA HIS B 209 -14.85 -25.05 3.61
C HIS B 209 -14.58 -25.65 4.98
N TYR B 210 -15.42 -25.28 5.95
CA TYR B 210 -15.36 -25.91 7.26
C TYR B 210 -16.25 -27.16 7.18
N THR B 211 -15.71 -28.29 7.67
CA THR B 211 -16.59 -29.42 7.94
C THR B 211 -17.32 -29.00 9.22
N LYS B 212 -18.33 -29.78 9.63
CA LYS B 212 -19.04 -29.46 10.86
C LYS B 212 -18.13 -29.50 12.04
N ALA B 213 -17.14 -30.42 12.06
CA ALA B 213 -16.18 -30.43 13.17
C ALA B 213 -15.22 -29.18 13.18
N ASP B 214 -14.70 -28.79 12.00
CA ASP B 214 -14.00 -27.51 11.85
C ASP B 214 -14.85 -26.34 12.44
N TYR B 215 -16.09 -26.28 12.06
CA TYR B 215 -16.95 -25.16 12.46
C TYR B 215 -17.17 -25.16 13.97
N GLU B 216 -17.42 -26.36 14.53
CA GLU B 216 -17.56 -26.46 16.01
C GLU B 216 -16.28 -25.99 16.72
N GLU B 217 -15.13 -26.27 16.15
CA GLU B 217 -13.85 -25.86 16.78
C GLU B 217 -13.74 -24.31 16.74
N ILE B 218 -14.11 -23.69 15.62
CA ILE B 218 -14.21 -22.21 15.54
C ILE B 218 -15.10 -21.66 16.66
N VAL B 219 -16.30 -22.21 16.77
CA VAL B 219 -17.23 -21.76 17.79
C VAL B 219 -16.68 -21.93 19.20
N ARG B 220 -16.08 -23.08 19.46
CA ARG B 220 -15.47 -23.37 20.78
C ARG B 220 -14.31 -22.39 21.09
N TYR B 221 -13.42 -22.18 20.13
CA TYR B 221 -12.30 -21.29 20.32
C TYR B 221 -12.82 -19.83 20.52
N ALA B 222 -13.74 -19.41 19.66
CA ALA B 222 -14.40 -18.08 19.85
C ALA B 222 -15.01 -17.94 21.28
N ALA B 223 -15.69 -18.98 21.76
CA ALA B 223 -16.34 -18.94 23.11
C ALA B 223 -15.29 -18.82 24.18
N SER B 224 -14.13 -19.42 23.95
CA SER B 224 -13.06 -19.33 24.99
C SER B 224 -12.42 -17.93 24.99
N ARG B 225 -12.68 -17.13 23.96
CA ARG B 225 -12.29 -15.71 23.96
C ARG B 225 -13.51 -14.80 24.13
N HIS B 226 -14.61 -15.36 24.62
CA HIS B 226 -15.85 -14.61 24.86
C HIS B 226 -16.46 -13.90 23.66
N LEU B 227 -16.41 -14.59 22.54
CA LEU B 227 -17.02 -14.14 21.33
C LEU B 227 -18.15 -15.09 20.98
N GLU B 228 -19.33 -14.53 20.82
CA GLU B 228 -20.53 -15.26 20.39
C GLU B 228 -20.52 -15.23 18.85
N VAL B 229 -20.55 -16.41 18.25
CA VAL B 229 -20.46 -16.45 16.74
C VAL B 229 -21.84 -16.19 16.11
N VAL B 230 -21.89 -15.23 15.19
CA VAL B 230 -23.09 -14.89 14.48
C VAL B 230 -22.84 -15.28 13.00
N PRO B 231 -23.34 -16.44 12.56
CA PRO B 231 -23.08 -16.86 11.17
C PRO B 231 -24.09 -16.20 10.22
N GLU B 232 -23.67 -15.91 8.99
CA GLU B 232 -24.53 -15.35 7.98
C GLU B 232 -24.53 -16.25 6.74
N ILE B 233 -25.73 -16.64 6.35
CA ILE B 233 -25.98 -17.22 5.04
C ILE B 233 -26.72 -16.12 4.23
N ASP B 234 -26.04 -15.45 3.31
CA ASP B 234 -26.58 -14.26 2.70
C ASP B 234 -27.69 -14.70 1.71
N MET B 235 -28.86 -14.08 1.78
CA MET B 235 -29.95 -14.44 0.83
C MET B 235 -30.87 -13.23 0.70
N PRO B 236 -31.60 -13.12 -0.43
CA PRO B 236 -31.65 -14.00 -1.58
C PRO B 236 -30.57 -13.67 -2.63
N GLY B 237 -29.87 -12.53 -2.46
CA GLY B 237 -28.77 -12.17 -3.36
C GLY B 237 -27.48 -12.75 -2.81
N HIS B 238 -26.35 -12.52 -3.54
CA HIS B 238 -25.06 -13.06 -3.17
C HIS B 238 -25.05 -14.59 -3.03
N THR B 239 -25.78 -15.27 -3.93
CA THR B 239 -26.04 -16.68 -3.74
C THR B 239 -25.49 -17.55 -4.87
N ASN B 240 -24.54 -17.01 -5.64
CA ASN B 240 -24.02 -17.75 -6.75
C ASN B 240 -23.42 -19.06 -6.35
N ALA B 241 -22.67 -19.17 -5.24
CA ALA B 241 -22.04 -20.47 -4.97
C ALA B 241 -23.14 -21.57 -4.74
N ALA B 242 -24.25 -21.21 -4.06
CA ALA B 242 -25.32 -22.17 -3.89
C ALA B 242 -25.97 -22.51 -5.23
N LEU B 243 -26.27 -21.47 -6.02
CA LEU B 243 -26.98 -21.64 -7.30
C LEU B 243 -26.12 -22.49 -8.26
N ALA B 244 -24.79 -22.30 -8.22
CA ALA B 244 -23.89 -23.10 -9.05
C ALA B 244 -23.83 -24.59 -8.66
N SER B 245 -24.20 -24.90 -7.43
CA SER B 245 -24.07 -26.25 -6.89
C SER B 245 -25.30 -27.11 -7.18
N TYR B 246 -26.46 -26.46 -7.28
CA TYR B 246 -27.78 -27.15 -7.43
C TYR B 246 -28.57 -26.43 -8.51
N ALA B 247 -28.62 -27.03 -9.70
CA ALA B 247 -29.36 -26.46 -10.83
C ALA B 247 -30.83 -26.14 -10.43
N GLU B 248 -31.45 -27.03 -9.65
CA GLU B 248 -32.83 -26.86 -9.24
C GLU B 248 -33.16 -25.56 -8.50
N LEU B 249 -32.16 -24.93 -7.85
CA LEU B 249 -32.37 -23.67 -7.17
C LEU B 249 -32.55 -22.50 -8.16
N ASN B 250 -32.19 -22.68 -9.42
CA ASN B 250 -32.25 -21.57 -10.37
C ASN B 250 -33.60 -21.44 -11.08
N CYS B 251 -34.08 -20.21 -11.35
CA CYS B 251 -35.42 -20.09 -11.97
C CYS B 251 -35.42 -20.87 -13.30
N ASP B 252 -34.28 -20.89 -14.02
CA ASP B 252 -34.27 -21.50 -15.33
C ASP B 252 -33.83 -22.97 -15.27
N GLY B 253 -33.57 -23.48 -14.07
CA GLY B 253 -33.19 -24.90 -13.88
C GLY B 253 -31.79 -25.25 -14.37
N VAL B 254 -30.93 -24.23 -14.56
CA VAL B 254 -29.57 -24.43 -15.07
C VAL B 254 -28.59 -23.81 -14.05
N ALA B 255 -27.65 -24.61 -13.59
CA ALA B 255 -26.66 -24.09 -12.63
C ALA B 255 -25.73 -23.13 -13.39
N PRO B 256 -25.54 -21.87 -12.91
CA PRO B 256 -24.47 -21.02 -13.51
C PRO B 256 -23.06 -21.48 -13.18
N PRO B 257 -22.05 -21.03 -13.94
CA PRO B 257 -20.65 -21.35 -13.59
C PRO B 257 -20.31 -20.80 -12.19
N LEU B 258 -19.40 -21.48 -11.50
CA LEU B 258 -18.77 -20.93 -10.29
C LEU B 258 -18.15 -19.56 -10.63
N TYR B 259 -18.27 -18.60 -9.71
CA TYR B 259 -17.85 -17.22 -9.93
C TYR B 259 -16.58 -16.94 -9.17
N THR B 260 -15.59 -16.34 -9.86
CA THR B 260 -14.28 -16.02 -9.21
C THR B 260 -13.90 -14.51 -9.41
N GLY B 261 -14.83 -13.69 -9.93
CA GLY B 261 -14.60 -12.27 -10.03
C GLY B 261 -15.08 -11.56 -8.77
N THR B 262 -15.33 -10.26 -8.86
CA THR B 262 -15.69 -9.45 -7.66
C THR B 262 -16.89 -8.55 -7.89
N LYS B 263 -17.60 -8.73 -9.00
CA LYS B 263 -18.83 -8.00 -9.23
C LYS B 263 -19.93 -8.46 -8.25
N VAL B 264 -20.98 -7.67 -8.13
CA VAL B 264 -22.08 -8.03 -7.19
C VAL B 264 -23.43 -7.81 -7.84
N GLY B 265 -24.50 -8.32 -7.23
CA GLY B 265 -25.86 -7.93 -7.60
C GLY B 265 -26.57 -8.80 -8.65
N PHE B 266 -25.85 -9.73 -9.25
CA PHE B 266 -26.30 -10.46 -10.46
C PHE B 266 -26.98 -11.76 -10.07
N SER B 267 -26.80 -12.25 -8.83
CA SER B 267 -27.34 -13.56 -8.44
C SER B 267 -28.68 -13.42 -7.66
N THR B 268 -29.56 -14.38 -7.84
CA THR B 268 -30.80 -14.42 -7.03
C THR B 268 -31.29 -15.87 -6.83
N LEU B 269 -31.64 -16.19 -5.59
CA LEU B 269 -32.50 -17.36 -5.35
C LEU B 269 -33.79 -17.18 -6.13
N CYS B 270 -34.51 -18.28 -6.40
CA CYS B 270 -35.78 -18.19 -7.19
C CYS B 270 -36.97 -18.06 -6.21
N VAL B 271 -37.50 -16.85 -6.04
CA VAL B 271 -38.44 -16.57 -4.95
C VAL B 271 -39.78 -17.35 -5.08
N ASP B 272 -40.23 -17.55 -6.32
N ASP B 272 -40.25 -17.56 -6.32
CA ASP B 272 -41.50 -18.22 -6.54
CA ASP B 272 -41.53 -18.23 -6.50
C ASP B 272 -41.38 -19.74 -6.82
C ASP B 272 -41.44 -19.77 -6.63
N LYS B 273 -40.25 -20.35 -6.43
CA LYS B 273 -40.06 -21.83 -6.60
C LYS B 273 -40.07 -22.57 -5.25
N ASP B 274 -40.88 -23.61 -5.13
CA ASP B 274 -41.09 -24.23 -3.80
C ASP B 274 -39.80 -24.70 -3.18
N VAL B 275 -38.94 -25.32 -4.00
CA VAL B 275 -37.70 -25.94 -3.50
C VAL B 275 -36.77 -24.93 -2.79
N THR B 276 -36.90 -23.65 -3.16
CA THR B 276 -36.09 -22.54 -2.56
C THR B 276 -36.26 -22.55 -1.02
N TYR B 277 -37.49 -22.78 -0.54
CA TYR B 277 -37.81 -22.74 0.89
C TYR B 277 -37.41 -24.03 1.62
N ASP B 278 -37.38 -25.15 0.91
CA ASP B 278 -36.83 -26.41 1.45
C ASP B 278 -35.31 -26.28 1.67
N PHE B 279 -34.63 -25.72 0.69
CA PHE B 279 -33.21 -25.44 0.81
C PHE B 279 -32.95 -24.50 2.03
N VAL B 280 -33.67 -23.38 2.11
CA VAL B 280 -33.41 -22.42 3.15
C VAL B 280 -33.69 -23.08 4.52
N ASP B 281 -34.81 -23.82 4.59
CA ASP B 281 -35.13 -24.51 5.82
C ASP B 281 -34.01 -25.43 6.26
N ASP B 282 -33.51 -26.26 5.36
CA ASP B 282 -32.49 -27.29 5.68
C ASP B 282 -31.18 -26.61 6.07
N VAL B 283 -30.79 -25.58 5.32
CA VAL B 283 -29.54 -24.84 5.64
C VAL B 283 -29.60 -24.17 7.01
N LEU B 284 -30.67 -23.43 7.27
CA LEU B 284 -30.77 -22.71 8.54
C LEU B 284 -30.90 -23.71 9.70
N GLY B 285 -31.56 -24.84 9.45
CA GLY B 285 -31.71 -25.88 10.49
C GLY B 285 -30.34 -26.43 10.91
N GLU B 286 -29.54 -26.80 9.93
CA GLU B 286 -28.24 -27.40 10.23
C GLU B 286 -27.29 -26.35 10.82
N LEU B 287 -27.37 -25.12 10.32
CA LEU B 287 -26.54 -24.02 10.91
C LEU B 287 -26.94 -23.76 12.41
N ALA B 288 -28.26 -23.77 12.68
CA ALA B 288 -28.78 -23.46 13.98
C ALA B 288 -28.26 -24.53 14.92
N ALA B 289 -28.13 -25.77 14.42
CA ALA B 289 -27.71 -26.87 15.31
C ALA B 289 -26.22 -26.70 15.74
N LEU B 290 -25.44 -25.98 14.92
CA LEU B 290 -24.05 -25.66 15.17
C LEU B 290 -23.85 -24.33 15.86
N THR B 291 -24.94 -23.61 16.16
CA THR B 291 -24.86 -22.22 16.60
C THR B 291 -25.45 -22.08 17.98
N PRO B 292 -24.57 -22.11 19.01
CA PRO B 292 -25.08 -21.96 20.37
C PRO B 292 -25.42 -20.48 20.65
N GLY B 293 -24.91 -19.56 19.84
CA GLY B 293 -25.38 -18.17 19.93
C GLY B 293 -26.86 -17.91 19.61
N ARG B 294 -27.29 -16.67 19.86
CA ARG B 294 -28.69 -16.34 19.79
C ARG B 294 -29.23 -15.94 18.39
N TYR B 295 -28.31 -15.67 17.44
CA TYR B 295 -28.64 -14.98 16.16
C TYR B 295 -28.30 -15.78 14.91
N LEU B 296 -29.13 -15.66 13.86
CA LEU B 296 -28.73 -16.15 12.55
C LEU B 296 -28.83 -14.92 11.66
N HIS B 297 -27.78 -14.65 10.86
CA HIS B 297 -27.79 -13.47 10.02
C HIS B 297 -28.20 -13.96 8.64
N ILE B 298 -29.29 -13.45 8.10
CA ILE B 298 -29.76 -13.91 6.77
C ILE B 298 -29.41 -12.94 5.61
N GLY B 299 -28.57 -11.93 5.87
CA GLY B 299 -28.05 -11.17 4.73
C GLY B 299 -29.12 -10.21 4.21
N GLY B 300 -29.29 -10.19 2.88
CA GLY B 300 -30.33 -9.41 2.22
C GLY B 300 -29.77 -8.19 1.50
N ASP B 301 -28.43 -8.01 1.46
CA ASP B 301 -27.79 -6.93 0.72
C ASP B 301 -27.75 -7.17 -0.82
N GLU B 302 -27.88 -6.09 -1.60
CA GLU B 302 -27.57 -6.12 -3.07
C GLU B 302 -28.28 -7.26 -3.79
N ALA B 303 -29.56 -7.43 -3.47
CA ALA B 303 -30.41 -8.39 -4.18
C ALA B 303 -30.90 -7.67 -5.49
N HIS B 304 -29.94 -7.19 -6.30
CA HIS B 304 -30.30 -6.29 -7.38
C HIS B 304 -30.97 -7.05 -8.53
N SER B 305 -30.89 -8.37 -8.52
CA SER B 305 -31.62 -9.16 -9.52
C SER B 305 -32.89 -9.75 -8.95
N THR B 306 -33.33 -9.28 -7.78
CA THR B 306 -34.62 -9.71 -7.18
C THR B 306 -35.51 -8.48 -7.11
N PRO B 307 -36.57 -8.42 -7.94
CA PRO B 307 -37.52 -7.30 -7.86
C PRO B 307 -38.01 -7.10 -6.41
N GLN B 308 -38.30 -5.85 -6.02
CA GLN B 308 -38.63 -5.53 -4.65
C GLN B 308 -39.76 -6.39 -4.09
N ALA B 309 -40.87 -6.52 -4.84
CA ALA B 309 -41.99 -7.31 -4.32
C ALA B 309 -41.57 -8.78 -4.02
N ASP B 310 -40.71 -9.35 -4.85
CA ASP B 310 -40.14 -10.67 -4.56
C ASP B 310 -39.20 -10.75 -3.35
N PHE B 311 -38.35 -9.73 -3.21
CA PHE B 311 -37.50 -9.65 -2.04
C PHE B 311 -38.37 -9.56 -0.78
N VAL B 312 -39.42 -8.72 -0.79
CA VAL B 312 -40.31 -8.63 0.41
C VAL B 312 -40.98 -10.01 0.66
N ALA B 313 -41.46 -10.67 -0.40
CA ALA B 313 -42.14 -11.99 -0.23
C ALA B 313 -41.14 -13.02 0.33
N PHE B 314 -39.92 -12.97 -0.17
CA PHE B 314 -38.92 -13.94 0.22
C PHE B 314 -38.62 -13.80 1.73
N MET B 315 -38.30 -12.57 2.14
CA MET B 315 -38.02 -12.23 3.55
C MET B 315 -39.19 -12.53 4.50
N LYS B 316 -40.39 -12.28 4.05
CA LYS B 316 -41.57 -12.65 4.83
C LYS B 316 -41.69 -14.20 5.10
N ARG B 317 -41.34 -15.04 4.13
CA ARG B 317 -41.35 -16.50 4.27
CA ARG B 317 -41.36 -16.49 4.32
C ARG B 317 -40.10 -17.00 5.07
N VAL B 318 -38.98 -16.30 4.95
CA VAL B 318 -37.75 -16.83 5.52
C VAL B 318 -37.58 -16.44 7.01
N GLN B 319 -38.03 -15.27 7.43
CA GLN B 319 -37.73 -14.84 8.78
C GLN B 319 -38.31 -15.82 9.79
N PRO B 320 -39.55 -16.33 9.53
CA PRO B 320 -40.10 -17.33 10.48
C PRO B 320 -39.28 -18.62 10.57
N ILE B 321 -38.53 -18.96 9.52
CA ILE B 321 -37.66 -20.13 9.60
C ILE B 321 -36.59 -19.97 10.69
N VAL B 322 -36.11 -18.75 10.89
CA VAL B 322 -35.11 -18.53 11.91
C VAL B 322 -35.78 -18.73 13.29
N ALA B 323 -37.00 -18.20 13.45
CA ALA B 323 -37.70 -18.42 14.77
C ALA B 323 -38.00 -19.90 14.98
N LYS B 324 -38.31 -20.62 13.91
CA LYS B 324 -38.56 -22.06 14.00
C LYS B 324 -37.40 -22.76 14.71
N TYR B 325 -36.14 -22.34 14.46
CA TYR B 325 -35.01 -22.98 15.02
C TYR B 325 -34.52 -22.29 16.30
N GLY B 326 -35.32 -21.40 16.87
CA GLY B 326 -35.15 -20.88 18.20
C GLY B 326 -34.13 -19.73 18.21
N LYS B 327 -33.94 -19.04 17.08
CA LYS B 327 -32.90 -17.96 16.97
C LYS B 327 -33.55 -16.64 16.63
N THR B 328 -32.76 -15.57 16.68
CA THR B 328 -33.21 -14.19 16.40
C THR B 328 -32.64 -13.77 15.05
N VAL B 329 -33.44 -13.15 14.21
CA VAL B 329 -33.08 -12.68 12.84
C VAL B 329 -32.14 -11.47 12.95
N VAL B 330 -31.02 -11.53 12.20
CA VAL B 330 -30.29 -10.34 11.84
C VAL B 330 -30.27 -10.29 10.29
N GLY B 331 -30.45 -9.10 9.70
CA GLY B 331 -30.16 -8.93 8.24
C GLY B 331 -29.47 -7.60 7.98
N TRP B 332 -28.86 -7.44 6.80
CA TRP B 332 -28.44 -6.06 6.40
C TRP B 332 -29.67 -5.17 6.23
N HIS B 333 -29.50 -3.84 6.22
CA HIS B 333 -30.62 -2.93 6.45
C HIS B 333 -31.59 -2.89 5.27
N GLN B 334 -31.30 -3.54 4.12
CA GLN B 334 -32.39 -3.75 3.14
C GLN B 334 -33.61 -4.50 3.77
N LEU B 335 -33.35 -5.30 4.80
CA LEU B 335 -34.43 -6.01 5.49
C LEU B 335 -35.42 -5.00 6.07
N ALA B 336 -34.97 -3.80 6.36
CA ALA B 336 -35.90 -2.84 7.01
C ALA B 336 -37.09 -2.49 6.14
N GLY B 337 -36.98 -2.69 4.84
CA GLY B 337 -38.11 -2.43 3.90
C GLY B 337 -38.87 -3.70 3.57
N ALA B 338 -38.61 -4.77 4.32
CA ALA B 338 -39.31 -6.02 4.09
C ALA B 338 -39.89 -6.57 5.37
N GLU B 339 -40.52 -5.69 6.14
N GLU B 339 -40.55 -5.71 6.14
CA GLU B 339 -41.28 -6.11 7.33
CA GLU B 339 -41.28 -6.15 7.34
C GLU B 339 -40.47 -6.98 8.29
C GLU B 339 -40.45 -7.00 8.30
N PRO B 340 -39.45 -6.38 8.95
CA PRO B 340 -38.67 -7.17 9.89
C PRO B 340 -39.55 -7.72 11.00
N VAL B 341 -39.37 -8.96 11.40
CA VAL B 341 -40.25 -9.49 12.45
C VAL B 341 -39.85 -8.91 13.83
N GLU B 342 -40.67 -9.18 14.84
CA GLU B 342 -40.44 -8.71 16.22
C GLU B 342 -39.14 -9.34 16.74
N GLY B 343 -38.30 -8.51 17.31
CA GLY B 343 -37.00 -8.96 17.80
C GLY B 343 -35.89 -8.96 16.73
N ALA B 344 -36.22 -8.82 15.45
CA ALA B 344 -35.17 -8.86 14.41
C ALA B 344 -34.28 -7.63 14.54
N LEU B 345 -32.98 -7.80 14.30
CA LEU B 345 -32.05 -6.69 14.20
C LEU B 345 -31.70 -6.36 12.72
N VAL B 346 -31.52 -5.08 12.38
CA VAL B 346 -30.99 -4.75 11.07
C VAL B 346 -29.63 -4.07 11.19
N GLN B 347 -28.76 -4.36 10.23
CA GLN B 347 -27.42 -3.89 10.26
C GLN B 347 -27.27 -2.82 9.19
N TYR B 348 -27.08 -1.58 9.61
CA TYR B 348 -26.99 -0.50 8.61
C TYR B 348 -25.56 -0.37 8.06
N TRP B 349 -25.40 -0.55 6.74
CA TRP B 349 -24.07 -0.42 6.09
C TRP B 349 -23.99 0.73 5.11
N GLY B 350 -24.92 1.66 5.20
CA GLY B 350 -24.96 2.87 4.35
C GLY B 350 -23.81 3.84 4.64
N LEU B 351 -23.76 4.90 3.86
CA LEU B 351 -22.69 5.89 3.97
C LEU B 351 -23.37 7.29 3.77
N ASP B 352 -22.60 8.39 3.86
CA ASP B 352 -23.23 9.74 3.80
C ASP B 352 -24.11 9.98 2.54
N ARG B 353 -23.68 9.48 1.39
N ARG B 353 -23.66 9.49 1.39
N ARG B 353 -23.65 9.48 1.39
CA ARG B 353 -24.40 9.64 0.12
CA ARG B 353 -24.38 9.64 0.12
CA ARG B 353 -24.36 9.63 0.11
C ARG B 353 -25.60 8.70 -0.06
C ARG B 353 -25.45 8.58 -0.15
C ARG B 353 -25.49 8.61 -0.13
N THR B 354 -25.76 7.73 0.83
CA THR B 354 -26.93 6.87 0.72
C THR B 354 -28.19 7.78 0.71
N SER B 355 -29.23 7.49 -0.09
CA SER B 355 -30.39 8.41 -0.24
C SER B 355 -31.04 8.69 1.08
N ASP B 356 -31.60 9.90 1.21
CA ASP B 356 -32.38 10.22 2.40
C ASP B 356 -33.51 9.22 2.58
N ALA B 357 -34.10 8.73 1.48
CA ALA B 357 -35.27 7.86 1.58
C ALA B 357 -34.82 6.54 2.22
N GLU B 358 -33.67 6.03 1.79
CA GLU B 358 -33.17 4.75 2.39
C GLU B 358 -32.83 4.95 3.89
N LYS B 359 -32.18 6.06 4.25
CA LYS B 359 -31.86 6.34 5.65
C LYS B 359 -33.17 6.48 6.46
N ALA B 360 -34.20 7.13 5.87
CA ALA B 360 -35.50 7.23 6.57
C ALA B 360 -36.22 5.91 6.78
N GLN B 361 -36.12 5.00 5.82
CA GLN B 361 -36.78 3.69 5.97
C GLN B 361 -36.17 2.91 7.19
N VAL B 362 -34.84 2.90 7.27
CA VAL B 362 -34.15 2.31 8.41
C VAL B 362 -34.60 3.01 9.69
N ALA B 363 -34.65 4.34 9.70
CA ALA B 363 -35.09 5.07 10.89
C ALA B 363 -36.52 4.72 11.33
N ALA B 364 -37.43 4.62 10.37
CA ALA B 364 -38.78 4.26 10.68
C ALA B 364 -38.81 2.85 11.28
N ALA B 365 -37.98 1.92 10.78
CA ALA B 365 -37.99 0.60 11.46
C ALA B 365 -37.49 0.70 12.89
N ALA B 366 -36.41 1.49 13.12
CA ALA B 366 -35.96 1.78 14.45
C ALA B 366 -37.05 2.38 15.36
N ARG B 367 -37.79 3.40 14.88
CA ARG B 367 -38.90 4.00 15.67
C ARG B 367 -39.96 2.94 15.97
N ASN B 368 -40.04 1.93 15.14
CA ASN B 368 -40.99 0.89 15.37
C ASN B 368 -40.45 -0.25 16.23
N GLY B 369 -39.25 -0.15 16.82
CA GLY B 369 -38.79 -1.24 17.70
C GLY B 369 -37.70 -2.16 17.13
N THR B 370 -37.39 -2.03 15.85
CA THR B 370 -36.32 -2.87 15.25
C THR B 370 -34.99 -2.34 15.76
N GLY B 371 -34.18 -3.23 16.34
CA GLY B 371 -32.86 -2.83 16.84
C GLY B 371 -31.87 -2.59 15.69
N LEU B 372 -30.96 -1.64 15.85
CA LEU B 372 -30.03 -1.21 14.83
C LEU B 372 -28.59 -1.56 15.23
N ILE B 373 -27.86 -2.22 14.33
CA ILE B 373 -26.42 -2.41 14.44
C ILE B 373 -25.81 -1.43 13.42
N LEU B 374 -24.94 -0.52 13.86
CA LEU B 374 -24.36 0.43 12.92
C LEU B 374 -22.99 -0.03 12.42
N SER B 375 -22.85 -0.18 11.11
CA SER B 375 -21.54 -0.45 10.52
C SER B 375 -21.43 0.31 9.19
N PRO B 376 -21.47 1.65 9.25
CA PRO B 376 -21.47 2.45 8.01
C PRO B 376 -20.22 2.19 7.14
N ALA B 377 -20.44 2.04 5.84
CA ALA B 377 -19.33 1.69 4.93
C ALA B 377 -18.30 2.76 4.80
N ASP B 378 -18.64 4.03 5.03
CA ASP B 378 -17.62 5.09 5.01
C ASP B 378 -17.11 5.41 6.47
N ARG B 379 -17.28 4.45 7.41
CA ARG B 379 -16.82 4.56 8.82
C ARG B 379 -16.05 3.29 9.30
N THR B 380 -16.70 2.12 9.28
CA THR B 380 -16.17 0.94 9.93
C THR B 380 -15.89 -0.27 9.01
N TYR B 381 -15.96 -0.08 7.70
CA TYR B 381 -15.53 -1.12 6.75
C TYR B 381 -14.02 -1.16 6.71
N LEU B 382 -13.41 -2.20 7.30
CA LEU B 382 -11.98 -2.23 7.41
C LEU B 382 -11.34 -2.56 6.06
N ASP B 383 -12.12 -2.99 5.08
CA ASP B 383 -11.54 -3.24 3.75
C ASP B 383 -11.51 -1.94 2.93
N MET B 384 -12.04 -0.85 3.47
CA MET B 384 -12.01 0.42 2.69
C MET B 384 -10.60 1.04 2.74
N LYS B 385 -10.14 1.56 1.59
CA LYS B 385 -8.79 2.16 1.47
C LYS B 385 -8.69 3.32 2.41
N TYR B 386 -7.50 3.54 3.00
CA TYR B 386 -7.27 4.73 3.78
C TYR B 386 -7.13 5.97 2.89
N THR B 387 -6.50 5.81 1.71
CA THR B 387 -6.29 6.95 0.76
C THR B 387 -6.17 6.34 -0.62
N LYS B 388 -6.10 7.19 -1.64
CA LYS B 388 -6.03 6.70 -3.03
C LYS B 388 -4.84 5.76 -3.25
N ASP B 389 -3.83 5.78 -2.38
CA ASP B 389 -2.67 4.92 -2.62
C ASP B 389 -2.58 3.66 -1.78
N THR B 390 -3.58 3.39 -0.93
CA THR B 390 -3.55 2.11 -0.22
C THR B 390 -3.51 0.96 -1.26
N PRO B 391 -2.58 -0.01 -1.09
CA PRO B 391 -2.43 -1.00 -2.16
C PRO B 391 -3.37 -2.20 -2.02
N LEU B 392 -4.24 -2.22 -1.03
CA LEU B 392 -5.23 -3.32 -0.87
C LEU B 392 -6.57 -2.63 -0.67
N GLY B 393 -7.66 -3.38 -0.62
CA GLY B 393 -8.94 -2.74 -0.25
C GLY B 393 -9.73 -2.12 -1.40
N LEU B 394 -10.90 -1.57 -1.07
CA LEU B 394 -11.79 -1.00 -2.11
C LEU B 394 -11.98 0.48 -1.77
N SER B 395 -12.55 1.24 -2.70
CA SER B 395 -12.83 2.64 -2.39
C SER B 395 -14.21 3.08 -2.85
N TRP B 396 -15.16 2.16 -2.95
CA TRP B 396 -16.52 2.50 -3.42
C TRP B 396 -17.22 3.37 -2.39
N ALA B 397 -16.79 3.27 -1.13
CA ALA B 397 -17.38 4.17 -0.13
C ALA B 397 -16.57 5.45 0.14
N GLY B 398 -15.67 5.81 -0.77
CA GLY B 398 -14.68 6.91 -0.53
C GLY B 398 -13.46 6.41 0.30
N TYR B 399 -12.54 7.29 0.69
CA TYR B 399 -11.37 6.89 1.45
C TYR B 399 -11.68 7.03 2.93
N VAL B 400 -11.18 6.13 3.77
CA VAL B 400 -11.53 6.19 5.22
C VAL B 400 -10.29 6.17 6.09
N GLU B 401 -9.83 7.38 6.48
CA GLU B 401 -8.66 7.47 7.33
C GLU B 401 -9.06 7.15 8.75
N VAL B 402 -8.07 7.07 9.61
CA VAL B 402 -8.24 6.61 11.00
C VAL B 402 -9.14 7.57 11.73
N ARG B 403 -8.98 8.91 11.56
CA ARG B 403 -9.88 9.82 12.32
C ARG B 403 -11.38 9.64 11.90
N ARG B 404 -11.63 9.55 10.59
CA ARG B 404 -12.99 9.37 10.13
C ARG B 404 -13.63 8.09 10.70
N SER B 405 -12.87 7.02 10.73
CA SER B 405 -13.42 5.77 11.25
C SER B 405 -13.87 5.86 12.77
N TYR B 406 -13.12 6.63 13.56
CA TYR B 406 -13.33 6.78 15.01
C TYR B 406 -14.27 7.89 15.30
N ASP B 407 -14.30 8.94 14.47
CA ASP B 407 -14.79 10.21 15.02
C ASP B 407 -16.27 10.50 14.85
N TRP B 408 -17.15 9.71 15.49
CA TRP B 408 -18.57 9.88 15.40
C TRP B 408 -19.21 9.23 16.63
N ASP B 409 -20.51 9.40 16.78
CA ASP B 409 -21.21 8.93 17.96
C ASP B 409 -22.43 8.06 17.49
N PRO B 410 -22.42 6.76 17.77
CA PRO B 410 -23.54 5.89 17.34
C PRO B 410 -24.90 6.38 17.81
N ALA B 411 -24.96 7.05 18.96
CA ALA B 411 -26.22 7.54 19.47
C ALA B 411 -26.71 8.80 18.75
N ALA B 412 -25.89 9.48 17.97
CA ALA B 412 -26.38 10.68 17.22
C ALA B 412 -25.80 10.63 15.83
N TYR B 413 -26.24 9.65 15.07
CA TYR B 413 -25.59 9.31 13.80
C TYR B 413 -26.60 9.26 12.65
N LEU B 414 -27.55 8.32 12.75
CA LEU B 414 -28.58 8.15 11.68
C LEU B 414 -29.76 9.06 11.98
N PRO B 415 -30.05 10.03 11.11
CA PRO B 415 -31.13 11.03 11.36
C PRO B 415 -32.44 10.29 11.50
N GLY B 416 -33.25 10.68 12.48
CA GLY B 416 -34.60 10.08 12.56
C GLY B 416 -34.67 8.82 13.42
N ALA B 417 -33.53 8.22 13.73
CA ALA B 417 -33.54 6.98 14.49
C ALA B 417 -33.37 7.26 15.97
N PRO B 418 -34.26 6.74 16.80
CA PRO B 418 -34.08 7.05 18.25
C PRO B 418 -32.78 6.43 18.79
N ALA B 419 -32.06 7.13 19.66
CA ALA B 419 -30.82 6.55 20.21
C ALA B 419 -31.05 5.15 20.87
N GLU B 420 -32.24 4.92 21.43
CA GLU B 420 -32.45 3.70 22.15
C GLU B 420 -32.58 2.51 21.26
N ALA B 421 -32.65 2.67 19.93
CA ALA B 421 -32.74 1.53 19.03
C ALA B 421 -31.36 0.99 18.70
N VAL B 422 -30.33 1.76 19.07
CA VAL B 422 -28.99 1.39 18.62
C VAL B 422 -28.52 0.26 19.56
N ARG B 423 -28.27 -0.93 19.02
CA ARG B 423 -27.73 -2.03 19.83
C ARG B 423 -26.19 -2.03 19.92
N GLY B 424 -25.51 -1.39 18.97
CA GLY B 424 -24.07 -1.36 19.00
C GLY B 424 -23.54 -1.17 17.59
N VAL B 425 -22.32 -1.64 17.35
CA VAL B 425 -21.58 -1.32 16.11
C VAL B 425 -20.86 -2.56 15.61
N GLU B 426 -20.46 -2.58 14.35
CA GLU B 426 -19.71 -3.74 13.83
C GLU B 426 -18.65 -3.19 12.90
N ALA B 427 -17.51 -3.86 12.83
CA ALA B 427 -16.43 -3.49 11.89
C ALA B 427 -16.26 -4.64 10.94
N PRO B 428 -16.82 -4.51 9.73
CA PRO B 428 -16.71 -5.68 8.84
C PRO B 428 -15.40 -5.65 8.06
N LEU B 429 -14.83 -6.85 7.83
CA LEU B 429 -13.66 -6.95 6.96
C LEU B 429 -13.98 -7.82 5.73
N TRP B 430 -14.30 -7.21 4.58
CA TRP B 430 -14.64 -7.95 3.34
C TRP B 430 -13.32 -8.34 2.65
N THR B 431 -13.29 -9.48 1.94
CA THR B 431 -12.01 -10.00 1.47
C THR B 431 -11.90 -10.16 -0.06
N GLU B 432 -12.63 -9.38 -0.86
CA GLU B 432 -12.36 -9.41 -2.34
C GLU B 432 -10.89 -9.21 -2.64
N THR B 433 -10.20 -8.43 -1.83
CA THR B 433 -8.83 -7.99 -2.17
C THR B 433 -7.76 -8.57 -1.22
N LEU B 434 -8.17 -9.40 -0.24
CA LEU B 434 -7.30 -9.83 0.85
C LEU B 434 -7.16 -11.37 0.88
N SER B 435 -5.94 -11.88 0.76
CA SER B 435 -5.80 -13.36 0.57
C SER B 435 -4.85 -13.93 1.55
N ASP B 436 -4.29 -13.14 2.48
CA ASP B 436 -3.53 -13.72 3.55
C ASP B 436 -3.69 -12.95 4.87
N PRO B 437 -3.28 -13.55 5.98
CA PRO B 437 -3.54 -12.96 7.31
C PRO B 437 -2.82 -11.63 7.58
N ASP B 438 -1.70 -11.36 6.94
CA ASP B 438 -1.03 -10.08 7.10
C ASP B 438 -1.75 -8.95 6.37
N GLN B 439 -2.33 -9.28 5.20
CA GLN B 439 -3.17 -8.33 4.52
C GLN B 439 -4.42 -8.02 5.39
N LEU B 440 -5.05 -9.04 6.02
CA LEU B 440 -6.13 -8.76 6.94
C LEU B 440 -5.69 -7.77 8.03
N ASP B 441 -4.52 -8.05 8.69
CA ASP B 441 -4.01 -7.19 9.74
C ASP B 441 -3.77 -5.75 9.26
N PHE B 442 -3.12 -5.61 8.10
CA PHE B 442 -2.77 -4.29 7.63
C PHE B 442 -3.98 -3.40 7.39
N MET B 443 -5.09 -4.01 6.92
CA MET B 443 -6.37 -3.32 6.70
C MET B 443 -7.18 -3.16 8.01
N ALA B 444 -7.03 -4.10 8.93
CA ALA B 444 -7.79 -3.97 10.23
C ALA B 444 -7.21 -3.00 11.20
N PHE B 445 -5.90 -2.87 11.18
CA PHE B 445 -5.20 -2.03 12.09
C PHE B 445 -4.64 -0.83 11.35
N PRO B 446 -4.85 0.40 11.84
CA PRO B 446 -5.19 0.65 13.26
C PRO B 446 -6.64 1.06 13.51
N ARG B 447 -7.58 0.77 12.60
CA ARG B 447 -9.02 1.20 12.80
C ARG B 447 -9.83 0.28 13.68
N LEU B 448 -9.42 -0.97 13.73
CA LEU B 448 -10.14 -2.00 14.54
C LEU B 448 -10.36 -1.55 16.05
N PRO B 449 -9.32 -1.05 16.72
CA PRO B 449 -9.51 -0.65 18.13
C PRO B 449 -10.51 0.52 18.29
N GLY B 450 -10.55 1.42 17.31
CA GLY B 450 -11.43 2.58 17.29
C GLY B 450 -12.90 2.12 17.26
N VAL B 451 -13.22 1.14 16.44
CA VAL B 451 -14.62 0.68 16.38
C VAL B 451 -14.99 -0.05 17.72
N ALA B 452 -14.06 -0.80 18.28
CA ALA B 452 -14.24 -1.42 19.60
C ALA B 452 -14.52 -0.37 20.65
N GLU B 453 -13.81 0.74 20.57
CA GLU B 453 -13.98 1.78 21.55
C GLU B 453 -15.39 2.41 21.35
N LEU B 454 -15.84 2.61 20.10
CA LEU B 454 -17.22 3.08 19.88
C LEU B 454 -18.24 2.12 20.48
N GLY B 455 -17.99 0.83 20.38
CA GLY B 455 -18.93 -0.13 20.97
C GLY B 455 -18.90 -0.05 22.52
N TRP B 456 -17.71 0.17 23.08
CA TRP B 456 -17.49 -0.13 24.52
C TRP B 456 -17.52 1.11 25.43
N SER B 457 -16.73 2.15 25.07
CA SER B 457 -16.60 3.33 25.93
C SER B 457 -17.79 4.27 26.04
N PRO B 458 -17.89 5.01 27.19
CA PRO B 458 -18.95 6.00 27.31
C PRO B 458 -18.74 7.12 26.32
N ALA B 459 -19.81 7.75 25.85
CA ALA B 459 -19.58 8.91 24.93
C ALA B 459 -18.72 10.01 25.57
N SER B 460 -18.81 10.19 26.89
CA SER B 460 -18.04 11.25 27.55
C SER B 460 -16.52 11.05 27.41
N THR B 461 -16.03 9.83 27.09
CA THR B 461 -14.57 9.64 26.91
C THR B 461 -14.14 9.91 25.45
N HIS B 462 -15.06 10.15 24.54
CA HIS B 462 -14.72 10.26 23.14
C HIS B 462 -14.03 11.57 22.78
N ASP B 463 -12.85 11.51 22.13
CA ASP B 463 -12.18 12.74 21.78
C ASP B 463 -11.01 12.31 20.92
N TRP B 464 -10.99 12.71 19.64
CA TRP B 464 -9.88 12.31 18.71
C TRP B 464 -8.49 12.69 19.18
N ASP B 465 -8.29 13.93 19.60
CA ASP B 465 -6.93 14.35 19.98
C ASP B 465 -6.30 13.55 21.11
N THR B 466 -7.10 13.10 22.06
CA THR B 466 -6.54 12.29 23.10
C THR B 466 -6.63 10.79 22.78
N TYR B 467 -7.67 10.35 22.09
CA TYR B 467 -7.69 8.98 21.58
C TYR B 467 -6.46 8.71 20.76
N LYS B 468 -6.01 9.64 19.91
CA LYS B 468 -4.92 9.23 18.95
C LYS B 468 -3.60 8.94 19.67
N VAL B 469 -3.45 9.52 20.85
CA VAL B 469 -2.24 9.31 21.66
C VAL B 469 -2.35 7.90 22.32
N ARG B 470 -3.54 7.52 22.77
CA ARG B 470 -3.72 6.12 23.21
C ARG B 470 -3.53 5.14 22.05
N LEU B 471 -3.99 5.48 20.86
CA LEU B 471 -3.77 4.59 19.75
C LEU B 471 -2.28 4.44 19.41
N ALA B 472 -1.55 5.57 19.36
CA ALA B 472 -0.09 5.50 19.07
C ALA B 472 0.59 4.56 20.08
N GLY B 473 0.14 4.61 21.32
CA GLY B 473 0.63 3.72 22.38
C GLY B 473 0.49 2.20 22.12
N GLN B 474 -0.46 1.80 21.27
CA GLN B 474 -0.62 0.37 20.97
C GLN B 474 0.52 -0.11 20.03
N ALA B 475 1.14 0.80 19.24
CA ALA B 475 2.04 0.33 18.18
C ALA B 475 3.19 -0.58 18.70
N PRO B 476 3.91 -0.20 19.78
CA PRO B 476 4.97 -1.14 20.28
C PRO B 476 4.40 -2.50 20.66
N HIS B 477 3.12 -2.54 21.12
CA HIS B 477 2.48 -3.82 21.45
C HIS B 477 2.25 -4.60 20.15
N TRP B 478 1.68 -3.92 19.14
CA TRP B 478 1.47 -4.61 17.84
C TRP B 478 2.77 -5.18 17.31
N GLU B 479 3.81 -4.38 17.45
CA GLU B 479 5.12 -4.79 16.90
C GLU B 479 5.60 -6.06 17.60
N ALA B 480 5.43 -6.09 18.92
CA ALA B 480 5.84 -7.27 19.68
C ALA B 480 4.94 -8.49 19.39
N MET B 481 3.65 -8.32 19.14
CA MET B 481 2.74 -9.40 18.77
C MET B 481 2.92 -9.86 17.30
N GLY B 482 3.57 -9.10 16.40
CA GLY B 482 3.72 -9.51 15.00
C GLY B 482 2.50 -9.09 14.18
N ILE B 483 1.91 -7.95 14.53
CA ILE B 483 0.70 -7.49 13.86
C ILE B 483 1.08 -6.37 12.93
N ASP B 484 0.94 -6.61 11.62
CA ASP B 484 1.19 -5.52 10.63
C ASP B 484 0.11 -4.41 10.76
N TYR B 485 0.47 -3.16 10.49
CA TYR B 485 -0.51 -2.12 10.62
C TYR B 485 -0.19 -0.93 9.72
N TYR B 486 -1.18 -0.17 9.36
CA TYR B 486 -0.97 1.05 8.54
C TYR B 486 -0.59 2.21 9.48
N ARG B 487 0.56 2.82 9.17
CA ARG B 487 1.12 3.88 10.00
C ARG B 487 0.57 5.21 9.53
N SER B 488 -0.73 5.38 9.78
CA SER B 488 -1.47 6.59 9.37
C SER B 488 -0.70 7.87 9.74
N PRO B 489 -0.63 8.82 8.83
CA PRO B 489 0.04 10.13 9.22
C PRO B 489 -0.81 10.93 10.19
N GLN B 490 -2.05 10.51 10.46
CA GLN B 490 -2.88 11.21 11.44
C GLN B 490 -2.51 10.87 12.88
N VAL B 491 -1.75 9.81 13.08
CA VAL B 491 -1.57 9.33 14.44
C VAL B 491 -0.12 9.66 14.83
N PRO B 492 0.09 10.20 16.06
CA PRO B 492 1.46 10.60 16.49
C PRO B 492 2.26 9.39 16.97
N TRP B 493 2.65 8.51 16.04
CA TRP B 493 3.41 7.34 16.45
C TRP B 493 4.71 7.83 17.08
N THR B 494 5.22 7.13 18.06
CA THR B 494 6.57 7.49 18.53
C THR B 494 7.61 6.68 17.78
C1 EDO C . 32.08 5.33 -3.61
O1 EDO C . 32.46 3.97 -3.22
C2 EDO C . 32.55 6.19 -2.48
O2 EDO C . 34.00 6.30 -2.55
C1 EDO D . -6.42 10.88 -34.03
O1 EDO D . -6.74 11.90 -33.07
C2 EDO D . -6.97 9.57 -33.51
O2 EDO D . -5.93 8.98 -32.74
C1 EDO E . 27.85 -19.01 -2.01
O1 EDO E . 28.94 -19.37 -1.15
C2 EDO E . 26.84 -20.04 -1.55
O2 EDO E . 26.18 -20.38 -2.74
C1 EDO F . 27.09 -12.40 5.28
O1 EDO F . 26.76 -13.71 4.83
C2 EDO F . 27.23 -12.58 6.75
O2 EDO F . 28.66 -12.79 6.75
C1 EDO G . 38.12 10.94 -11.47
O1 EDO G . 39.35 10.61 -10.78
C2 EDO G . 37.49 12.16 -10.85
O2 EDO G . 37.38 11.91 -9.42
C1 EDO H . 32.20 7.82 -27.25
O1 EDO H . 33.45 8.25 -26.61
C2 EDO H . 31.10 8.89 -27.16
O2 EDO H . 31.54 10.22 -27.61
C1 EDO I . 3.54 -18.41 -2.34
O1 EDO I . 3.88 -17.48 -1.29
C2 EDO I . 4.38 -19.67 -2.21
O2 EDO I . 4.88 -19.79 -0.88
C1 EDO J . 13.19 24.97 -44.00
O1 EDO J . 14.35 24.41 -43.42
C2 EDO J . 12.99 24.01 -45.11
O2 EDO J . 13.84 22.96 -44.65
C1 EDO K . 18.02 -2.96 11.96
O1 EDO K . 18.57 -3.50 13.17
C2 EDO K . 17.26 -1.72 12.40
O2 EDO K . 15.86 -2.00 12.25
C1 EDO L . 4.49 11.20 -0.74
C1 EDO L . 4.57 11.01 0.17
O1 EDO L . 4.90 11.33 0.64
O1 EDO L . 3.55 10.00 0.30
C2 EDO L . 4.39 12.61 -1.35
C2 EDO L . 4.79 11.37 -1.30
O2 EDO L . 3.07 13.17 -1.18
O2 EDO L . 4.08 12.59 -1.56
C1 EDO M . 17.93 1.81 -26.32
O1 EDO M . 19.30 2.15 -25.99
C2 EDO M . 17.74 2.46 -27.66
O2 EDO M . 18.87 3.33 -27.63
C1 EDO N . 25.26 6.03 -30.59
O1 EDO N . 25.67 5.61 -29.32
C2 EDO N . 23.76 5.96 -30.57
O2 EDO N . 23.41 5.43 -29.31
C1 EDO O . 27.30 13.12 -31.06
O1 EDO O . 26.66 11.90 -31.40
C2 EDO O . 28.43 12.73 -30.16
O2 EDO O . 29.63 12.63 -30.91
C1 EDO P . 8.69 21.61 -44.37
O1 EDO P . 7.74 21.39 -43.32
C2 EDO P . 9.85 22.37 -43.78
O2 EDO P . 9.37 23.71 -43.58
C1 EDO Q . 4.44 7.30 -28.07
O1 EDO Q . 5.60 7.64 -28.82
C2 EDO Q . 4.03 8.53 -27.26
O2 EDO Q . 3.04 8.10 -26.32
C1 EDO R . 36.18 7.24 -18.59
O1 EDO R . 35.65 8.47 -18.02
C2 EDO R . 37.09 7.53 -19.80
O2 EDO R . 38.08 8.45 -19.29
O1 GC2 S . 24.72 6.04 -3.43
C8 GC2 S . 24.63 4.83 -3.28
C10 GC2 S . 24.69 3.86 -4.45
N2 GC2 S . 24.42 4.34 -2.06
C2 GC2 S . 24.40 5.10 -0.82
C3 GC2 S . 23.20 6.06 -0.81
O4 GC2 S . 22.02 5.26 -0.65
C4 GC2 S . 23.30 6.87 0.50
O2 GC2 S . 22.24 7.83 0.40
C1 GC2 S . 25.75 5.83 -0.75
N1 GC2 S . 25.73 6.51 0.54
C5 GC2 S . 24.66 7.52 0.68
C9 GC2 S . 26.97 7.25 0.96
C7 GC2 S . 26.49 8.11 2.14
C6 GC2 S . 24.95 8.15 2.07
O3 GC2 S . 24.34 7.36 3.10
C1 EDO T . -4.53 33.90 -35.50
O1 EDO T . -3.44 33.99 -36.43
C2 EDO T . -4.73 32.40 -35.32
O2 EDO T . -4.84 31.87 -36.64
C1 EDO U . -2.57 1.53 -4.77
O1 EDO U . -2.25 0.24 -5.33
C2 EDO U . -3.24 2.39 -5.82
O2 EDO U . -2.34 2.68 -6.89
C1 EDO V . -44.61 -20.66 -3.95
C1 EDO V . -44.50 -19.65 -3.25
O1 EDO V . -45.11 -19.80 -2.91
O1 EDO V . -45.48 -19.30 -4.26
C2 EDO V . -43.19 -21.05 -3.53
C2 EDO V . -43.47 -20.67 -3.77
O2 EDO V . -43.29 -22.22 -2.71
O2 EDO V . -43.45 -21.81 -2.90
C1 EDO W . -42.22 -25.44 1.82
O1 EDO W . -43.60 -25.57 1.43
C2 EDO W . -41.38 -25.57 0.54
O2 EDO W . -41.79 -24.51 -0.33
C1 EDO X . -22.05 -15.63 -13.50
O1 EDO X . -23.13 -16.47 -13.86
C2 EDO X . -21.53 -16.34 -12.27
O2 EDO X . -20.59 -17.30 -12.71
C1 EDO Y . -24.75 10.09 8.14
O1 EDO Y . -24.56 9.59 6.81
C2 EDO Y . -26.17 9.81 8.47
O2 EDO Y . -26.86 10.62 7.55
C1 EDO Z . -35.55 10.58 -2.83
O1 EDO Z . -35.36 12.03 -2.80
C2 EDO Z . -34.21 9.96 -2.46
O2 EDO Z . -33.98 10.30 -1.10
C1 EDO AA . -35.77 3.18 -1.17
O1 EDO AA . -36.86 3.82 -0.49
C2 EDO AA . -35.16 2.14 -0.25
O2 EDO AA . -35.58 2.47 1.08
C1 EDO BA . 4.83 -11.06 44.96
O1 EDO BA . 5.35 -9.75 45.27
C2 EDO BA . 3.44 -11.20 45.59
O2 EDO BA . 2.74 -10.01 45.13
C1 EDO CA . -31.03 12.85 -1.52
O1 EDO CA . -31.42 11.54 -1.09
C2 EDO CA . -29.65 13.28 -1.04
O2 EDO CA . -28.63 12.33 -1.47
C1 EDO DA . -0.05 13.54 13.26
O1 EDO DA . 1.00 13.05 14.09
C2 EDO DA . -0.88 14.48 14.09
O2 EDO DA . -1.04 13.85 15.36
C1 EDO EA . -7.56 15.63 11.08
O1 EDO EA . -7.34 15.59 12.51
C2 EDO EA . -6.25 15.10 10.54
O2 EDO EA . -5.64 14.40 11.64
C1 EDO FA . -7.12 0.78 45.06
O1 EDO FA . -5.92 1.15 44.38
C2 EDO FA . -6.75 -0.40 45.93
O2 EDO FA . -5.32 -0.41 45.99
C1 EDO GA . 5.98 -9.99 48.44
O1 EDO GA . 5.23 -8.81 48.65
C2 EDO GA . 7.37 -9.52 48.08
O2 EDO GA . 8.11 -9.44 49.31
C1 EDO HA . -25.46 1.70 0.14
O1 EDO HA . -26.21 2.92 -0.13
C2 EDO HA . -26.25 1.03 1.28
O2 EDO HA . -27.38 0.35 0.68
C1 EDO IA . -22.38 0.61 -4.49
O1 EDO IA . -23.21 1.20 -3.48
C2 EDO IA . -21.47 1.69 -5.06
O2 EDO IA . -20.39 1.07 -5.79
O1 GC2 JA . -21.38 -4.65 2.30
C8 GC2 JA . -22.21 -5.48 2.00
C10 GC2 JA . -23.26 -5.81 3.00
N2 GC2 JA . -22.33 -6.00 0.77
C2 GC2 JA . -21.49 -5.69 -0.41
C3 GC2 JA . -20.04 -6.12 -0.30
O4 GC2 JA . -19.97 -7.57 -0.17
C4 GC2 JA . -19.19 -5.63 -1.48
O2 GC2 JA . -17.82 -5.79 -1.12
C1 GC2 JA . -21.59 -4.17 -0.65
N1 GC2 JA . -20.80 -3.85 -1.87
C5 GC2 JA . -19.33 -4.12 -1.77
C9 GC2 JA . -20.80 -2.43 -2.28
C7 GC2 JA . -19.71 -2.37 -3.38
C6 GC2 JA . -18.81 -3.64 -3.14
O3 GC2 JA . -19.21 -4.56 -4.20
#